data_8VSJ
#
_entry.id   8VSJ
#
_cell.length_a   1.00
_cell.length_b   1.00
_cell.length_c   1.00
_cell.angle_alpha   90.00
_cell.angle_beta   90.00
_cell.angle_gamma   90.00
#
_symmetry.space_group_name_H-M   'P 1'
#
loop_
_entity.id
_entity.type
_entity.pdbx_description
1 polymer 'HLA class II histocompatibility antigen, DR alpha chain'
2 polymer 'HLA class II histocompatibility antigen DR beta chain'
3 polymer Superantigen
4 polymer 'c44H10 Fab heavy chain'
5 polymer 'c44H10 Fab light chain'
6 polymer 'Class-II-associated invariant chain peptide'
7 non-polymer 2-acetamido-2-deoxy-beta-D-glucopyranose
#
loop_
_entity_poly.entity_id
_entity_poly.type
_entity_poly.pdbx_seq_one_letter_code
_entity_poly.pdbx_strand_id
1 'polypeptide(L)'
;IKEEHVIIQAEFYLNPDQSGEFMFDFDGDEIFHVDMAKKETVWRLEEFGRFASFEAQGALANIAVDKANLEIMTKRSNYT
PITNVPPEVTVLTNSPVELREPNVLICFIDKFTPPVVNVTWLRNGKPVTTGVSETVFLPREDHLFRKFHYLPFLPSTEDV
YDCRVEHWGLDEPLLKHWEFDASR
;
A
2 'polypeptide(L)'
;GDTRPRFLWQLKFECHFFNGTERVRLLERCIYNQEESVRFDSDVGEYRAVTELGRPDAEYWNSQKDLLEQRRAAVDTYCR
HNYGVGESFTVQRRVEPKVTVYPSKTQPLQHHNLLVCSVSGFYPGSIEVRWFRNGQEEKAGVVSTGLIQNGDWTFQTLVM
LETVPRSGEVYTCQVEHPSVTSPLTVEWRASR
;
B
3 'polypeptide(L)'
;MKLRCENPKKASIYLAQNLNNVVFTNKELEDIYDLSNKEETKEVLKKFKEKVNQFYRHAFDIINKYGDKEVFNMMFLKLS
VVFDIQRKEANNVEQIKRNIATLDEIMAKADNDLCYFISQWLEHHHHHH
;
C
4 'polypeptide(L)'
;QVQLKESGPGLVAPSQSLSITCTVSGFSLTSYGVHWVRQPPGKGLEWLGVIWAGGSINYNSALMSRLSISKDNFKSQVFL
KMSSLQTDDTAMYYCARAYGDYVHYAMDYWGQGTSVTASSASTKGPSVFPLAPSSKSTSGGTAALGCLVKDYFPEPVTVS
WNSGALTSGVHTFPAVLQSSGLYSLSSVVTVPSSSLGTQTYICNVNHKPSNTKVDKKVEPKSC
;
H
5 'polypeptide(L)'
;DIQMTQSPSSLSASLGQRVSLTCRASQEISGYLTWLQQKPDGTIKRLVYAASTLDSGVPKRFSGSRSGSDYSLTISSLES
EDFADYYCLQYTNYPLTFGAGTKLELKRTVAAPSVFIFPPSDEQLKSGTASVVCLLNNFYPREAKVQWKVDNALQSGNSQ
ESVTEQDSKDSTYSLSSTLTLSKADYEKHKVYACEVTHQGLSSPVTKSFNRGEC
;
L
6 'polypeptide(L)' PVSKMRMATPLLMQA P
#
# COMPACT_ATOMS: atom_id res chain seq x y z
N GLU A 3 21.41 6.48 13.18
CA GLU A 3 21.15 5.22 12.49
C GLU A 3 19.73 4.75 12.73
N GLU A 4 19.05 4.39 11.64
CA GLU A 4 17.67 3.89 11.72
C GLU A 4 17.51 2.75 10.72
N HIS A 5 17.09 1.59 11.22
CA HIS A 5 16.81 0.43 10.38
C HIS A 5 15.49 -0.19 10.81
N VAL A 6 14.76 -0.73 9.84
CA VAL A 6 13.45 -1.34 10.08
C VAL A 6 13.42 -2.71 9.42
N ILE A 7 12.93 -3.71 10.16
CA ILE A 7 12.71 -5.06 9.64
C ILE A 7 11.23 -5.39 9.84
N ILE A 8 10.56 -5.79 8.76
CA ILE A 8 9.12 -6.00 8.77
C ILE A 8 8.80 -7.40 8.25
N GLN A 9 7.96 -8.12 8.99
CA GLN A 9 7.36 -9.38 8.55
C GLN A 9 5.88 -9.10 8.25
N ALA A 10 5.49 -9.25 6.99
CA ALA A 10 4.17 -8.86 6.51
C ALA A 10 3.44 -10.05 5.91
N GLU A 11 2.19 -10.27 6.34
CA GLU A 11 1.32 -11.30 5.80
C GLU A 11 -0.07 -10.74 5.58
N PHE A 12 -0.80 -11.32 4.63
CA PHE A 12 -2.18 -10.92 4.41
C PHE A 12 -2.99 -12.11 3.90
N TYR A 13 -4.31 -12.01 4.04
CA TYR A 13 -5.25 -12.98 3.48
C TYR A 13 -6.42 -12.23 2.85
N LEU A 14 -6.89 -12.72 1.71
CA LEU A 14 -7.90 -12.04 0.91
C LEU A 14 -9.05 -12.98 0.58
N ASN A 15 -10.27 -12.45 0.56
CA ASN A 15 -11.49 -13.16 0.22
C ASN A 15 -12.24 -12.41 -0.88
N PRO A 16 -13.01 -13.12 -1.71
CA PRO A 16 -13.21 -14.58 -1.75
C PRO A 16 -12.22 -15.27 -2.67
N ASP A 17 -11.19 -14.54 -3.13
CA ASP A 17 -10.15 -15.15 -3.95
C ASP A 17 -9.37 -16.22 -3.20
N GLN A 18 -9.40 -16.18 -1.86
CA GLN A 18 -8.69 -17.12 -1.01
C GLN A 18 -7.19 -17.13 -1.33
N SER A 19 -6.58 -15.96 -1.15
CA SER A 19 -5.16 -15.75 -1.40
C SER A 19 -4.47 -15.35 -0.11
N GLY A 20 -3.17 -15.66 -0.02
CA GLY A 20 -2.38 -15.32 1.14
C GLY A 20 -0.97 -14.93 0.74
N GLU A 21 -0.22 -14.44 1.73
CA GLU A 21 1.17 -14.05 1.50
C GLU A 21 1.93 -14.09 2.80
N PHE A 22 3.25 -14.18 2.68
CA PHE A 22 4.15 -14.18 3.83
C PHE A 22 5.53 -13.79 3.33
N MET A 23 6.10 -12.72 3.89
CA MET A 23 7.39 -12.23 3.42
C MET A 23 8.08 -11.50 4.56
N PHE A 24 9.34 -11.13 4.30
CA PHE A 24 10.15 -10.35 5.24
C PHE A 24 10.69 -9.13 4.53
N ASP A 25 10.75 -8.01 5.27
CA ASP A 25 11.08 -6.72 4.71
C ASP A 25 12.17 -6.06 5.55
N PHE A 26 13.11 -5.40 4.87
CA PHE A 26 14.18 -4.65 5.54
C PHE A 26 14.32 -3.29 4.87
N ASP A 27 13.87 -2.25 5.56
CA ASP A 27 13.94 -0.87 5.05
C ASP A 27 13.30 -0.77 3.67
N GLY A 28 12.16 -1.45 3.49
CA GLY A 28 11.46 -1.41 2.23
C GLY A 28 11.97 -2.36 1.17
N ASP A 29 12.86 -3.30 1.51
CA ASP A 29 13.36 -4.30 0.59
C ASP A 29 13.07 -5.69 1.14
N GLU A 30 12.65 -6.59 0.26
CA GLU A 30 12.23 -7.92 0.68
C GLU A 30 13.44 -8.83 0.86
N ILE A 31 13.42 -9.62 1.93
CA ILE A 31 14.48 -10.59 2.19
C ILE A 31 14.09 -11.93 1.59
N PHE A 32 12.98 -12.50 2.04
CA PHE A 32 12.53 -13.79 1.53
C PHE A 32 11.01 -13.86 1.64
N HIS A 33 10.42 -14.74 0.82
CA HIS A 33 9.01 -15.09 0.93
C HIS A 33 8.85 -16.58 0.71
N VAL A 34 7.71 -17.11 1.14
CA VAL A 34 7.42 -18.53 1.01
C VAL A 34 6.32 -18.73 -0.03
N ASP A 35 6.57 -19.63 -0.97
CA ASP A 35 5.56 -20.08 -1.93
C ASP A 35 4.83 -21.26 -1.30
N MET A 36 3.63 -21.02 -0.79
CA MET A 36 2.91 -22.06 -0.05
C MET A 36 2.50 -23.22 -0.94
N ALA A 37 2.35 -23.00 -2.24
CA ALA A 37 2.03 -24.09 -3.15
C ALA A 37 3.16 -25.12 -3.19
N LYS A 38 4.41 -24.66 -3.23
CA LYS A 38 5.57 -25.54 -3.31
C LYS A 38 6.21 -25.81 -1.96
N LYS A 39 5.78 -25.11 -0.91
CA LYS A 39 6.34 -25.25 0.44
C LYS A 39 7.86 -25.02 0.43
N GLU A 40 8.28 -23.96 -0.27
CA GLU A 40 9.68 -23.63 -0.40
C GLU A 40 9.93 -22.20 0.03
N THR A 41 11.06 -21.95 0.69
CA THR A 41 11.47 -20.60 1.02
C THR A 41 12.25 -20.03 -0.16
N VAL A 42 11.83 -18.87 -0.64
CA VAL A 42 12.46 -18.21 -1.78
C VAL A 42 13.15 -16.95 -1.27
N TRP A 43 14.45 -16.85 -1.53
CA TRP A 43 15.23 -15.70 -1.12
C TRP A 43 15.26 -14.67 -2.24
N ARG A 44 15.10 -13.40 -1.89
CA ARG A 44 15.03 -12.35 -2.89
C ARG A 44 16.32 -12.30 -3.72
N LEU A 45 17.46 -12.42 -3.06
CA LEU A 45 18.74 -12.59 -3.71
C LEU A 45 19.31 -13.95 -3.32
N GLU A 46 19.87 -14.65 -4.30
CA GLU A 46 20.32 -16.02 -4.07
C GLU A 46 21.44 -16.11 -3.05
N GLU A 47 22.23 -15.03 -2.87
CA GLU A 47 23.31 -15.05 -1.90
C GLU A 47 22.80 -15.19 -0.47
N PHE A 48 21.58 -14.71 -0.21
CA PHE A 48 21.06 -14.70 1.16
C PHE A 48 20.82 -16.09 1.70
N GLY A 49 20.69 -17.10 0.83
CA GLY A 49 20.49 -18.46 1.29
C GLY A 49 21.74 -19.12 1.84
N ARG A 50 22.92 -18.62 1.48
CA ARG A 50 24.17 -19.18 1.95
C ARG A 50 24.55 -18.70 3.34
N PHE A 51 23.86 -17.71 3.89
CA PHE A 51 24.16 -17.18 5.21
C PHE A 51 23.06 -17.40 6.22
N ALA A 52 21.82 -17.63 5.78
CA ALA A 52 20.71 -17.83 6.69
C ALA A 52 19.71 -18.79 6.05
N SER A 53 18.91 -19.43 6.90
CA SER A 53 17.91 -20.39 6.45
C SER A 53 16.62 -20.17 7.20
N PHE A 54 15.50 -20.33 6.50
CA PHE A 54 14.17 -20.28 7.10
C PHE A 54 13.34 -21.45 6.59
N GLU A 55 12.63 -22.10 7.49
CA GLU A 55 11.78 -23.23 7.12
C GLU A 55 10.41 -22.72 6.67
N ALA A 56 10.08 -22.94 5.40
CA ALA A 56 8.82 -22.49 4.84
C ALA A 56 7.61 -23.19 5.44
N GLN A 57 7.81 -24.28 6.17
CA GLN A 57 6.69 -25.03 6.73
C GLN A 57 5.96 -24.24 7.81
N GLY A 58 6.68 -23.37 8.54
CA GLY A 58 6.06 -22.64 9.64
C GLY A 58 5.13 -21.52 9.21
N ALA A 59 5.25 -21.06 7.97
CA ALA A 59 4.38 -20.00 7.48
C ALA A 59 2.98 -20.49 7.15
N LEU A 60 2.81 -21.81 7.00
CA LEU A 60 1.48 -22.35 6.70
C LEU A 60 0.50 -22.05 7.83
N ALA A 61 0.94 -22.19 9.08
CA ALA A 61 0.07 -21.93 10.21
C ALA A 61 -0.27 -20.46 10.36
N ASN A 62 0.54 -19.56 9.78
CA ASN A 62 0.22 -18.13 9.84
C ASN A 62 -0.91 -17.78 8.89
N ILE A 63 -0.89 -18.33 7.68
CA ILE A 63 -1.96 -18.07 6.72
C ILE A 63 -3.28 -18.65 7.22
N ALA A 64 -3.23 -19.82 7.86
CA ALA A 64 -4.43 -20.41 8.44
C ALA A 64 -5.03 -19.53 9.53
N VAL A 65 -4.22 -18.69 10.18
CA VAL A 65 -4.76 -17.75 11.15
C VAL A 65 -5.23 -16.47 10.46
N ASP A 66 -4.51 -16.04 9.43
CA ASP A 66 -4.95 -14.88 8.66
C ASP A 66 -6.29 -15.13 7.99
N LYS A 67 -6.53 -16.36 7.53
CA LYS A 67 -7.81 -16.69 6.90
C LYS A 67 -8.96 -16.59 7.89
N ALA A 68 -8.79 -17.17 9.09
CA ALA A 68 -9.87 -17.15 10.07
C ALA A 68 -10.08 -15.76 10.65
N ASN A 69 -9.05 -14.90 10.60
CA ASN A 69 -9.22 -13.53 11.07
C ASN A 69 -10.06 -12.70 10.09
N LEU A 70 -9.81 -12.89 8.79
CA LEU A 70 -10.52 -12.11 7.79
C LEU A 70 -12.02 -12.40 7.81
N GLU A 71 -12.39 -13.67 7.98
CA GLU A 71 -13.81 -14.03 7.98
C GLU A 71 -14.52 -13.54 9.22
N ILE A 72 -13.78 -13.29 10.31
CA ILE A 72 -14.40 -12.72 11.50
C ILE A 72 -14.58 -11.22 11.34
N MET A 73 -13.61 -10.54 10.72
CA MET A 73 -13.72 -9.11 10.51
C MET A 73 -14.77 -8.75 9.48
N THR A 74 -15.03 -9.64 8.52
CA THR A 74 -16.03 -9.36 7.49
C THR A 74 -17.42 -9.26 8.08
N LYS A 75 -17.81 -10.23 8.92
CA LYS A 75 -19.12 -10.19 9.53
C LYS A 75 -19.23 -9.07 10.56
N ARG A 76 -18.10 -8.65 11.12
CA ARG A 76 -18.13 -7.59 12.14
C ARG A 76 -18.40 -6.23 11.52
N SER A 77 -17.85 -5.96 10.35
CA SER A 77 -18.05 -4.69 9.66
C SER A 77 -19.30 -4.69 8.79
N ASN A 78 -20.24 -5.60 9.05
CA ASN A 78 -21.46 -5.72 8.26
C ASN A 78 -21.15 -5.86 6.77
N TYR A 79 -20.15 -6.69 6.46
CA TYR A 79 -19.76 -6.98 5.08
C TYR A 79 -19.45 -5.70 4.31
N THR A 80 -18.83 -4.75 4.98
CA THR A 80 -18.44 -3.52 4.31
C THR A 80 -17.31 -3.82 3.34
N PRO A 81 -17.51 -3.64 2.04
CA PRO A 81 -16.45 -3.97 1.09
C PRO A 81 -15.30 -2.99 1.21
N ILE A 82 -14.11 -3.46 0.84
CA ILE A 82 -12.97 -2.55 0.74
C ILE A 82 -13.18 -1.63 -0.44
N THR A 83 -12.70 -0.40 -0.31
CA THR A 83 -12.77 0.55 -1.42
C THR A 83 -11.68 0.18 -2.41
N ASN A 84 -12.07 -0.10 -3.65
CA ASN A 84 -11.08 -0.47 -4.65
C ASN A 84 -10.28 0.76 -5.04
N VAL A 85 -9.20 1.02 -4.32
CA VAL A 85 -8.35 2.18 -4.57
C VAL A 85 -7.52 1.90 -5.82
N PRO A 86 -7.67 2.69 -6.88
CA PRO A 86 -6.92 2.42 -8.10
C PRO A 86 -5.44 2.64 -7.88
N PRO A 87 -4.57 1.94 -8.60
CA PRO A 87 -3.14 2.03 -8.37
C PRO A 87 -2.47 3.16 -9.13
N GLU A 88 -1.46 3.74 -8.48
CA GLU A 88 -0.50 4.59 -9.16
C GLU A 88 0.62 3.69 -9.67
N VAL A 89 0.92 3.82 -10.96
CA VAL A 89 1.83 2.89 -11.63
C VAL A 89 2.96 3.70 -12.26
N THR A 90 4.19 3.32 -11.93
CA THR A 90 5.38 3.95 -12.49
C THR A 90 6.24 2.88 -13.15
N VAL A 91 6.80 3.21 -14.31
CA VAL A 91 7.67 2.30 -15.05
C VAL A 91 9.08 2.88 -14.98
N LEU A 92 9.97 2.17 -14.30
CA LEU A 92 11.34 2.58 -14.10
C LEU A 92 12.29 1.59 -14.76
N THR A 93 13.58 1.91 -14.70
CA THR A 93 14.63 0.99 -15.12
C THR A 93 15.64 0.84 -14.00
N ASN A 94 16.38 -0.28 -14.03
CA ASN A 94 17.34 -0.57 -12.97
C ASN A 94 18.50 0.43 -13.00
N SER A 95 18.91 0.85 -14.18
CA SER A 95 20.03 1.77 -14.34
C SER A 95 19.78 2.59 -15.59
N PRO A 96 20.57 3.64 -15.82
CA PRO A 96 20.47 4.35 -17.11
C PRO A 96 20.65 3.38 -18.27
N VAL A 97 19.77 3.50 -19.25
CA VAL A 97 19.65 2.50 -20.30
C VAL A 97 20.58 2.85 -21.45
N GLU A 98 21.08 1.81 -22.12
CA GLU A 98 21.88 1.96 -23.31
C GLU A 98 21.43 0.94 -24.34
N LEU A 99 21.64 1.26 -25.62
CA LEU A 99 21.24 0.37 -26.69
C LEU A 99 22.08 -0.90 -26.67
N ARG A 100 21.40 -2.05 -26.84
CA ARG A 100 22.05 -3.35 -26.91
C ARG A 100 22.91 -3.64 -25.69
N GLU A 101 22.41 -3.28 -24.52
CA GLU A 101 23.09 -3.54 -23.26
C GLU A 101 22.05 -3.92 -22.21
N PRO A 102 22.13 -5.13 -21.65
CA PRO A 102 21.01 -5.66 -20.86
C PRO A 102 20.64 -4.77 -19.68
N ASN A 103 19.34 -4.68 -19.42
CA ASN A 103 18.80 -3.89 -18.33
C ASN A 103 17.56 -4.61 -17.81
N VAL A 104 16.84 -3.96 -16.89
CA VAL A 104 15.65 -4.55 -16.29
C VAL A 104 14.57 -3.47 -16.20
N LEU A 105 13.47 -3.67 -16.91
CA LEU A 105 12.31 -2.79 -16.74
C LEU A 105 11.63 -3.09 -15.42
N ILE A 106 11.32 -2.04 -14.68
CA ILE A 106 10.63 -2.16 -13.40
C ILE A 106 9.29 -1.46 -13.50
N CYS A 107 8.22 -2.17 -13.15
CA CYS A 107 6.88 -1.60 -13.11
C CYS A 107 6.51 -1.43 -11.64
N PHE A 108 6.64 -0.21 -11.14
CA PHE A 108 6.29 0.09 -9.76
C PHE A 108 4.80 0.35 -9.70
N ILE A 109 4.06 -0.60 -9.14
CA ILE A 109 2.62 -0.47 -8.94
C ILE A 109 2.42 -0.09 -7.48
N ASP A 110 1.94 1.12 -7.23
CA ASP A 110 2.00 1.71 -5.91
C ASP A 110 0.63 2.23 -5.50
N LYS A 111 0.38 2.18 -4.19
CA LYS A 111 -0.80 2.77 -3.57
C LYS A 111 -2.09 2.20 -4.15
N PHE A 112 -2.30 0.91 -3.93
CA PHE A 112 -3.52 0.23 -4.36
C PHE A 112 -3.96 -0.75 -3.29
N THR A 113 -5.25 -1.09 -3.33
CA THR A 113 -5.84 -2.11 -2.50
C THR A 113 -7.22 -2.46 -3.09
N PRO A 114 -7.66 -3.72 -3.01
CA PRO A 114 -6.99 -4.90 -2.44
C PRO A 114 -5.87 -5.41 -3.35
N PRO A 115 -5.03 -6.33 -2.86
CA PRO A 115 -3.89 -6.80 -3.69
C PRO A 115 -4.30 -7.87 -4.71
N VAL A 116 -5.08 -7.46 -5.70
CA VAL A 116 -5.36 -8.26 -6.88
C VAL A 116 -5.08 -7.40 -8.09
N VAL A 117 -4.08 -7.77 -8.88
CA VAL A 117 -3.72 -7.03 -10.07
C VAL A 117 -3.40 -8.02 -11.19
N ASN A 118 -3.90 -7.75 -12.38
CA ASN A 118 -3.56 -8.52 -13.57
C ASN A 118 -2.46 -7.77 -14.30
N VAL A 119 -1.22 -7.99 -13.89
CA VAL A 119 -0.08 -7.34 -14.52
C VAL A 119 0.33 -8.15 -15.73
N THR A 120 0.56 -7.46 -16.84
CA THR A 120 0.93 -8.10 -18.09
C THR A 120 1.90 -7.20 -18.83
N TRP A 121 3.10 -7.70 -19.09
CA TRP A 121 4.07 -6.95 -19.87
C TRP A 121 3.73 -7.09 -21.34
N LEU A 122 3.52 -5.96 -22.01
CA LEU A 122 3.15 -5.95 -23.42
C LEU A 122 4.28 -5.33 -24.22
N ARG A 123 4.79 -6.08 -25.19
CA ARG A 123 5.83 -5.59 -26.09
C ARG A 123 5.22 -5.49 -27.48
N ASN A 124 5.04 -4.25 -27.95
CA ASN A 124 4.35 -3.97 -29.21
C ASN A 124 2.96 -4.58 -29.23
N GLY A 125 2.28 -4.53 -28.07
CA GLY A 125 0.90 -4.95 -27.97
C GLY A 125 0.68 -6.39 -27.56
N LYS A 126 1.68 -7.26 -27.67
CA LYS A 126 1.45 -8.66 -27.35
C LYS A 126 2.04 -9.01 -25.99
N PRO A 127 1.37 -9.88 -25.22
CA PRO A 127 1.89 -10.25 -23.90
C PRO A 127 3.23 -10.97 -24.01
N VAL A 128 4.07 -10.77 -23.00
CA VAL A 128 5.40 -11.36 -22.93
C VAL A 128 5.57 -12.03 -21.58
N THR A 129 6.08 -13.26 -21.59
CA THR A 129 6.35 -13.99 -20.36
C THR A 129 7.75 -14.59 -20.33
N THR A 130 8.60 -14.27 -21.31
CA THR A 130 9.94 -14.84 -21.40
C THR A 130 10.85 -14.13 -20.40
N GLY A 131 11.22 -14.83 -19.33
CA GLY A 131 12.11 -14.28 -18.33
C GLY A 131 11.45 -13.32 -17.36
N VAL A 132 10.13 -13.16 -17.42
CA VAL A 132 9.44 -12.21 -16.56
C VAL A 132 9.56 -12.65 -15.11
N SER A 133 9.91 -11.71 -14.24
CA SER A 133 10.00 -11.95 -12.81
C SER A 133 9.11 -10.96 -12.08
N GLU A 134 8.74 -11.31 -10.86
CA GLU A 134 7.87 -10.44 -10.08
C GLU A 134 8.16 -10.64 -8.60
N THR A 135 7.78 -9.64 -7.81
CA THR A 135 7.87 -9.72 -6.37
C THR A 135 6.52 -10.16 -5.82
N VAL A 136 6.37 -10.06 -4.50
CA VAL A 136 5.11 -10.27 -3.85
C VAL A 136 4.55 -8.90 -3.48
N PHE A 137 3.29 -8.88 -3.03
CA PHE A 137 2.65 -7.62 -2.68
C PHE A 137 3.36 -7.02 -1.46
N LEU A 138 4.19 -6.01 -1.70
CA LEU A 138 5.02 -5.42 -0.65
C LEU A 138 4.19 -4.45 0.19
N PRO A 139 4.34 -4.45 1.51
CA PRO A 139 3.49 -3.60 2.36
C PRO A 139 3.82 -2.12 2.23
N ARG A 140 3.04 -1.30 2.92
CA ARG A 140 3.21 0.15 2.86
C ARG A 140 2.83 0.76 4.20
N GLU A 141 3.28 2.01 4.40
CA GLU A 141 3.00 2.72 5.64
C GLU A 141 1.53 3.11 5.74
N ASP A 142 0.94 3.55 4.62
CA ASP A 142 -0.47 3.92 4.56
C ASP A 142 -1.38 2.70 4.38
N HIS A 143 -0.84 1.50 4.54
CA HIS A 143 -1.54 0.22 4.46
C HIS A 143 -2.04 -0.11 3.07
N LEU A 144 -1.54 0.59 2.05
CA LEU A 144 -1.74 0.20 0.66
C LEU A 144 -0.64 -0.78 0.27
N PHE A 145 -0.48 -1.06 -1.01
CA PHE A 145 0.45 -2.08 -1.46
C PHE A 145 1.37 -1.57 -2.56
N ARG A 146 2.58 -2.10 -2.55
CA ARG A 146 3.53 -1.93 -3.65
C ARG A 146 3.73 -3.28 -4.31
N LYS A 147 4.15 -3.25 -5.57
CA LYS A 147 4.50 -4.47 -6.27
C LYS A 147 5.44 -4.13 -7.40
N PHE A 148 6.48 -4.93 -7.55
CA PHE A 148 7.47 -4.75 -8.60
C PHE A 148 7.37 -5.93 -9.56
N HIS A 149 7.25 -5.62 -10.85
CA HIS A 149 7.30 -6.62 -11.91
C HIS A 149 8.50 -6.31 -12.78
N TYR A 150 9.31 -7.31 -13.03
CA TYR A 150 10.57 -7.14 -13.73
C TYR A 150 10.52 -7.84 -15.07
N LEU A 151 10.94 -7.14 -16.12
CA LEU A 151 11.06 -7.71 -17.46
C LEU A 151 12.51 -7.54 -17.89
N PRO A 152 13.37 -8.51 -17.61
CA PRO A 152 14.74 -8.46 -18.12
C PRO A 152 14.74 -8.32 -19.63
N PHE A 153 15.16 -7.16 -20.11
CA PHE A 153 14.98 -6.81 -21.52
C PHE A 153 16.28 -6.24 -22.06
N LEU A 154 16.41 -6.32 -23.38
CA LEU A 154 17.55 -5.75 -24.08
C LEU A 154 17.08 -4.46 -24.74
N PRO A 155 17.46 -3.29 -24.20
CA PRO A 155 16.89 -2.04 -24.71
C PRO A 155 17.14 -1.84 -26.19
N SER A 156 16.12 -1.35 -26.88
CA SER A 156 16.20 -1.05 -28.30
C SER A 156 15.15 0.00 -28.62
N THR A 157 15.33 0.65 -29.78
CA THR A 157 14.42 1.69 -30.23
C THR A 157 13.22 1.15 -30.99
N GLU A 158 13.21 -0.13 -31.33
CA GLU A 158 12.14 -0.73 -32.13
C GLU A 158 11.05 -1.38 -31.28
N ASP A 159 11.17 -1.32 -29.95
CA ASP A 159 10.20 -1.93 -29.06
C ASP A 159 9.66 -0.89 -28.09
N VAL A 160 8.37 -1.01 -27.77
CA VAL A 160 7.72 -0.21 -26.74
C VAL A 160 7.08 -1.17 -25.76
N TYR A 161 6.97 -0.75 -24.51
CA TYR A 161 6.55 -1.64 -23.45
C TYR A 161 5.41 -1.01 -22.67
N ASP A 162 4.48 -1.85 -22.23
CA ASP A 162 3.33 -1.42 -21.45
C ASP A 162 3.17 -2.34 -20.26
N CYS A 163 3.00 -1.75 -19.08
CA CYS A 163 2.68 -2.52 -17.88
C CYS A 163 1.17 -2.43 -17.67
N ARG A 164 0.44 -3.23 -18.44
CA ARG A 164 -1.02 -3.21 -18.37
C ARG A 164 -1.46 -3.68 -16.98
N VAL A 165 -2.09 -2.79 -16.24
CA VAL A 165 -2.50 -3.03 -14.87
C VAL A 165 -4.03 -3.04 -14.82
N GLU A 166 -4.59 -4.15 -14.35
CA GLU A 166 -6.04 -4.29 -14.23
C GLU A 166 -6.40 -4.35 -12.76
N HIS A 167 -7.11 -3.33 -12.30
CA HIS A 167 -7.57 -3.26 -10.92
C HIS A 167 -9.06 -2.97 -10.91
N TRP A 168 -9.74 -3.44 -9.87
CA TRP A 168 -11.18 -3.24 -9.79
C TRP A 168 -11.56 -1.81 -9.44
N GLY A 169 -10.61 -0.98 -9.02
CA GLY A 169 -10.87 0.43 -8.85
C GLY A 169 -10.88 1.24 -10.11
N LEU A 170 -10.47 0.65 -11.22
CA LEU A 170 -10.50 1.28 -12.52
C LEU A 170 -11.72 0.80 -13.31
N ASP A 171 -11.94 1.44 -14.46
CA ASP A 171 -12.99 1.02 -15.39
C ASP A 171 -12.42 0.31 -16.60
N GLU A 172 -11.35 0.84 -17.17
CA GLU A 172 -10.60 0.22 -18.25
C GLU A 172 -9.21 -0.13 -17.77
N PRO A 173 -8.51 -1.04 -18.47
CA PRO A 173 -7.15 -1.39 -18.04
C PRO A 173 -6.22 -0.18 -18.04
N LEU A 174 -5.35 -0.12 -17.04
CA LEU A 174 -4.37 0.95 -16.93
C LEU A 174 -3.09 0.53 -17.64
N LEU A 175 -2.66 1.33 -18.61
CA LEU A 175 -1.49 1.04 -19.43
C LEU A 175 -0.48 2.17 -19.24
N LYS A 176 0.65 1.86 -18.62
CA LYS A 176 1.75 2.80 -18.44
C LYS A 176 2.82 2.50 -19.47
N HIS A 177 3.19 3.51 -20.26
CA HIS A 177 4.07 3.33 -21.40
C HIS A 177 5.53 3.50 -21.00
N TRP A 178 6.41 2.93 -21.83
CA TRP A 178 7.84 3.16 -21.72
C TRP A 178 8.46 2.99 -23.10
N GLU A 179 9.41 3.87 -23.43
CA GLU A 179 10.14 3.76 -24.68
C GLU A 179 11.46 4.49 -24.54
N PHE A 180 12.37 4.21 -25.48
CA PHE A 180 13.72 4.76 -25.42
C PHE A 180 13.75 6.13 -26.08
N ASP A 181 14.29 7.11 -25.37
CA ASP A 181 14.47 8.48 -25.88
C ASP A 181 13.15 9.09 -26.34
N ASP B 2 -15.47 -9.62 -12.35
CA ASP B 2 -16.05 -9.97 -11.06
C ASP B 2 -16.36 -8.72 -10.26
N THR B 3 -17.61 -8.59 -9.81
CA THR B 3 -18.06 -7.43 -9.06
C THR B 3 -18.45 -7.76 -7.63
N ARG B 4 -18.05 -8.92 -7.12
CA ARG B 4 -18.35 -9.25 -5.74
C ARG B 4 -17.54 -8.37 -4.78
N PRO B 5 -18.07 -8.10 -3.59
CA PRO B 5 -17.30 -7.33 -2.61
C PRO B 5 -16.06 -8.08 -2.14
N ARG B 6 -15.02 -7.31 -1.84
CA ARG B 6 -13.75 -7.86 -1.38
C ARG B 6 -13.52 -7.51 0.09
N PHE B 7 -12.80 -8.38 0.79
CA PHE B 7 -12.45 -8.18 2.18
C PHE B 7 -10.99 -8.56 2.38
N LEU B 8 -10.22 -7.65 2.97
CA LEU B 8 -8.77 -7.80 3.09
C LEU B 8 -8.36 -7.74 4.56
N TRP B 9 -7.37 -8.56 4.92
CA TRP B 9 -6.81 -8.58 6.26
C TRP B 9 -5.29 -8.56 6.16
N GLN B 10 -4.66 -7.73 6.99
CA GLN B 10 -3.21 -7.56 6.96
C GLN B 10 -2.63 -7.68 8.36
N LEU B 11 -1.38 -8.12 8.41
CA LEU B 11 -0.66 -8.27 9.67
C LEU B 11 0.81 -7.96 9.44
N LYS B 12 1.36 -7.06 10.26
CA LYS B 12 2.75 -6.63 10.13
C LYS B 12 3.44 -6.64 11.48
N PHE B 13 4.67 -7.14 11.52
CA PHE B 13 5.56 -7.01 12.66
C PHE B 13 6.75 -6.16 12.23
N GLU B 14 7.03 -5.10 12.98
CA GLU B 14 8.08 -4.15 12.61
C GLU B 14 9.07 -3.99 13.76
N CYS B 15 10.36 -4.12 13.45
CA CYS B 15 11.43 -3.85 14.39
C CYS B 15 12.16 -2.60 13.95
N HIS B 16 12.32 -1.65 14.88
CA HIS B 16 13.01 -0.39 14.61
C HIS B 16 14.32 -0.35 15.39
N PHE B 17 15.42 -0.10 14.68
CA PHE B 17 16.75 -0.12 15.27
C PHE B 17 17.33 1.29 15.30
N PHE B 18 17.74 1.74 16.48
CA PHE B 18 18.40 3.02 16.65
C PHE B 18 19.76 2.80 17.29
N ASN B 19 20.80 3.36 16.68
CA ASN B 19 22.18 3.20 17.13
C ASN B 19 22.54 1.72 17.27
N GLY B 20 22.53 1.03 16.12
CA GLY B 20 22.76 -0.40 16.09
C GLY B 20 21.63 -1.17 16.74
N THR B 21 21.89 -1.74 17.92
CA THR B 21 20.88 -2.46 18.68
C THR B 21 20.68 -1.87 20.07
N GLU B 22 21.15 -0.64 20.30
CA GLU B 22 21.01 -0.02 21.60
C GLU B 22 19.54 0.23 21.95
N ARG B 23 18.79 0.82 21.02
CA ARG B 23 17.36 1.03 21.17
C ARG B 23 16.64 0.26 20.08
N VAL B 24 15.69 -0.59 20.49
CA VAL B 24 14.90 -1.38 19.56
C VAL B 24 13.43 -1.12 19.87
N ARG B 25 12.66 -0.79 18.83
CA ARG B 25 11.23 -0.58 18.95
C ARG B 25 10.50 -1.59 18.08
N LEU B 26 9.58 -2.34 18.69
CA LEU B 26 8.77 -3.33 17.99
C LEU B 26 7.37 -2.78 17.80
N LEU B 27 6.88 -2.82 16.56
CA LEU B 27 5.56 -2.31 16.21
C LEU B 27 4.82 -3.36 15.41
N GLU B 28 3.82 -3.99 16.03
CA GLU B 28 2.96 -4.97 15.36
C GLU B 28 1.61 -4.34 15.06
N ARG B 29 1.14 -4.46 13.81
CA ARG B 29 -0.06 -3.79 13.36
C ARG B 29 -0.98 -4.77 12.65
N CYS B 30 -2.30 -4.60 12.84
CA CYS B 30 -3.32 -5.37 12.15
C CYS B 30 -4.22 -4.43 11.38
N ILE B 31 -4.35 -4.65 10.07
CA ILE B 31 -5.05 -3.73 9.18
C ILE B 31 -6.19 -4.48 8.49
N TYR B 32 -7.41 -3.95 8.66
CA TYR B 32 -8.60 -4.49 7.99
C TYR B 32 -9.21 -3.41 7.12
N ASN B 33 -9.15 -3.59 5.80
CA ASN B 33 -9.81 -2.69 4.84
C ASN B 33 -9.31 -1.25 4.99
N GLN B 34 -8.03 -1.05 4.68
CA GLN B 34 -7.42 0.26 4.53
C GLN B 34 -7.20 0.98 5.87
N GLU B 35 -7.68 0.40 6.96
CA GLU B 35 -7.61 1.07 8.26
C GLU B 35 -6.98 0.15 9.28
N GLU B 36 -5.92 0.64 9.92
CA GLU B 36 -5.35 -0.05 11.07
C GLU B 36 -6.37 -0.08 12.20
N SER B 37 -6.56 -1.26 12.79
CA SER B 37 -7.55 -1.45 13.84
C SER B 37 -6.93 -1.74 15.19
N VAL B 38 -5.86 -2.53 15.24
CA VAL B 38 -5.13 -2.79 16.48
C VAL B 38 -3.64 -2.62 16.19
N ARG B 39 -2.87 -2.31 17.22
CA ARG B 39 -1.43 -2.23 17.09
C ARG B 39 -0.77 -2.61 18.40
N PHE B 40 0.47 -3.11 18.30
CA PHE B 40 1.31 -3.36 19.45
C PHE B 40 2.52 -2.44 19.36
N ASP B 41 2.83 -1.77 20.47
CA ASP B 41 3.98 -0.88 20.54
C ASP B 41 4.87 -1.33 21.69
N SER B 42 6.15 -1.54 21.39
CA SER B 42 7.08 -2.01 22.42
C SER B 42 7.29 -0.97 23.51
N ASP B 43 7.28 0.32 23.14
CA ASP B 43 7.33 1.38 24.15
C ASP B 43 6.11 1.30 25.07
N VAL B 44 4.91 1.19 24.48
CA VAL B 44 3.71 1.04 25.29
C VAL B 44 3.67 -0.31 25.98
N GLY B 45 3.99 -1.37 25.24
CA GLY B 45 4.04 -2.71 25.79
C GLY B 45 2.75 -3.49 25.76
N GLU B 46 1.76 -3.06 24.99
CA GLU B 46 0.50 -3.78 24.88
C GLU B 46 -0.23 -3.31 23.63
N TYR B 47 -1.39 -3.91 23.37
CA TYR B 47 -2.18 -3.60 22.19
C TYR B 47 -3.10 -2.42 22.45
N ARG B 48 -3.15 -1.51 21.48
CA ARG B 48 -4.00 -0.32 21.54
C ARG B 48 -4.93 -0.32 20.35
N ALA B 49 -6.22 -0.09 20.61
CA ALA B 49 -7.23 -0.07 19.57
C ALA B 49 -7.14 1.25 18.81
N VAL B 50 -6.75 1.18 17.53
CA VAL B 50 -6.67 2.40 16.72
C VAL B 50 -8.06 2.93 16.41
N THR B 51 -9.01 2.04 16.12
CA THR B 51 -10.37 2.41 15.79
C THR B 51 -11.33 1.56 16.63
N GLU B 52 -12.63 1.84 16.49
CA GLU B 52 -13.64 1.08 17.22
C GLU B 52 -13.80 -0.32 16.65
N LEU B 53 -13.41 -0.53 15.39
CA LEU B 53 -13.42 -1.88 14.84
C LEU B 53 -12.44 -2.78 15.58
N GLY B 54 -11.23 -2.27 15.84
CA GLY B 54 -10.21 -3.03 16.52
C GLY B 54 -10.34 -3.09 18.02
N ARG B 55 -11.34 -2.43 18.60
CA ARG B 55 -11.50 -2.42 20.05
C ARG B 55 -11.70 -3.81 20.64
N PRO B 56 -12.53 -4.70 20.08
CA PRO B 56 -12.62 -6.04 20.68
C PRO B 56 -11.31 -6.82 20.63
N ASP B 57 -10.49 -6.61 19.59
CA ASP B 57 -9.23 -7.31 19.48
C ASP B 57 -8.27 -6.89 20.60
N ALA B 58 -8.17 -5.58 20.85
CA ALA B 58 -7.26 -5.08 21.86
C ALA B 58 -7.61 -5.61 23.25
N GLU B 59 -8.89 -5.59 23.60
CA GLU B 59 -9.29 -6.11 24.90
C GLU B 59 -9.11 -7.62 25.00
N TYR B 60 -8.96 -8.30 23.87
CA TYR B 60 -8.80 -9.75 23.84
C TYR B 60 -7.33 -10.15 23.84
N TRP B 61 -6.54 -9.56 22.93
CA TRP B 61 -5.12 -9.92 22.84
C TRP B 61 -4.34 -9.46 24.07
N ASN B 62 -4.68 -8.30 24.62
CA ASN B 62 -4.00 -7.79 25.81
C ASN B 62 -4.31 -8.61 27.06
N SER B 63 -5.29 -9.51 27.01
CA SER B 63 -5.65 -10.32 28.17
C SER B 63 -4.84 -11.61 28.26
N GLN B 64 -4.01 -11.92 27.26
CA GLN B 64 -3.14 -13.08 27.30
C GLN B 64 -1.77 -12.66 27.81
N LYS B 65 -1.46 -13.03 29.05
CA LYS B 65 -0.23 -12.58 29.69
C LYS B 65 1.00 -13.18 29.01
N ASP B 66 0.99 -14.50 28.79
CA ASP B 66 2.18 -15.19 28.32
C ASP B 66 2.61 -14.71 26.94
N LEU B 67 1.66 -14.49 26.04
CA LEU B 67 2.00 -14.05 24.69
C LEU B 67 2.44 -12.60 24.65
N LEU B 68 2.07 -11.80 25.66
CA LEU B 68 2.57 -10.42 25.71
C LEU B 68 4.03 -10.39 26.15
N GLU B 69 4.39 -11.21 27.13
CA GLU B 69 5.79 -11.26 27.58
C GLU B 69 6.71 -11.68 26.44
N GLN B 70 6.32 -12.72 25.70
CA GLN B 70 7.08 -13.15 24.54
C GLN B 70 7.09 -12.12 23.43
N ARG B 71 6.14 -11.20 23.42
CA ARG B 71 6.10 -10.12 22.44
C ARG B 71 6.90 -8.91 22.90
N ARG B 72 6.93 -8.63 24.20
CA ARG B 72 7.86 -7.64 24.73
C ARG B 72 9.30 -8.10 24.57
N ALA B 73 9.57 -9.37 24.88
CA ALA B 73 10.89 -9.95 24.72
C ALA B 73 11.29 -10.16 23.27
N ALA B 74 10.37 -9.92 22.33
CA ALA B 74 10.68 -10.11 20.91
C ALA B 74 11.69 -9.10 20.40
N VAL B 75 12.02 -8.07 21.17
CA VAL B 75 13.12 -7.19 20.80
C VAL B 75 14.44 -7.96 20.82
N ASP B 76 14.59 -8.86 21.79
CA ASP B 76 15.81 -9.67 21.89
C ASP B 76 15.70 -10.94 21.05
N THR B 77 14.70 -11.77 21.35
CA THR B 77 14.59 -13.08 20.71
C THR B 77 14.23 -12.98 19.23
N TYR B 78 13.56 -11.92 18.81
CA TYR B 78 13.14 -11.79 17.41
C TYR B 78 13.81 -10.63 16.69
N CYS B 79 13.82 -9.43 17.28
CA CYS B 79 14.40 -8.29 16.59
C CYS B 79 15.92 -8.32 16.66
N ARG B 80 16.50 -8.46 17.86
CA ARG B 80 17.95 -8.50 17.98
C ARG B 80 18.54 -9.76 17.37
N HIS B 81 17.84 -10.90 17.51
CA HIS B 81 18.34 -12.14 16.94
C HIS B 81 18.41 -12.05 15.42
N ASN B 82 17.32 -11.65 14.78
CA ASN B 82 17.31 -11.55 13.32
C ASN B 82 18.23 -10.43 12.82
N TYR B 83 18.52 -9.45 13.67
CA TYR B 83 19.52 -8.45 13.30
C TYR B 83 20.90 -9.08 13.16
N GLY B 84 21.30 -9.88 14.16
CA GLY B 84 22.56 -10.58 14.08
C GLY B 84 22.61 -11.62 12.97
N VAL B 85 21.47 -12.26 12.69
CA VAL B 85 21.41 -13.24 11.61
C VAL B 85 21.72 -12.59 10.27
N GLY B 86 21.14 -11.42 10.02
CA GLY B 86 21.21 -10.81 8.71
C GLY B 86 22.07 -9.57 8.56
N GLU B 87 22.68 -9.07 9.64
CA GLU B 87 23.44 -7.83 9.53
C GLU B 87 24.64 -7.95 8.59
N SER B 88 25.14 -9.16 8.37
CA SER B 88 26.29 -9.33 7.49
C SER B 88 25.94 -9.06 6.04
N PHE B 89 24.66 -9.23 5.66
CA PHE B 89 24.24 -8.95 4.30
C PHE B 89 23.12 -7.92 4.20
N THR B 90 22.64 -7.38 5.31
CA THR B 90 21.63 -6.32 5.29
C THR B 90 22.19 -4.99 5.78
N VAL B 91 22.72 -4.95 7.00
CA VAL B 91 23.22 -3.69 7.55
C VAL B 91 24.63 -3.41 7.04
N GLN B 92 25.52 -4.40 7.13
CA GLN B 92 26.87 -4.25 6.59
C GLN B 92 26.91 -4.40 5.08
N ARG B 93 25.76 -4.56 4.43
CA ARG B 93 25.73 -4.61 2.98
C ARG B 93 26.23 -3.29 2.40
N ARG B 94 27.18 -3.38 1.48
CA ARG B 94 27.78 -2.20 0.88
C ARG B 94 27.96 -2.45 -0.60
N VAL B 95 27.15 -1.79 -1.42
CA VAL B 95 27.26 -1.85 -2.87
C VAL B 95 27.62 -0.47 -3.36
N GLU B 96 28.73 -0.36 -4.07
CA GLU B 96 29.22 0.94 -4.51
C GLU B 96 28.26 1.55 -5.52
N PRO B 97 28.00 2.85 -5.44
CA PRO B 97 27.23 3.51 -6.50
C PRO B 97 27.97 3.52 -7.82
N LYS B 98 27.22 3.41 -8.90
CA LYS B 98 27.74 3.59 -10.24
C LYS B 98 27.34 4.98 -10.68
N VAL B 99 28.29 5.91 -10.67
CA VAL B 99 28.01 7.33 -10.85
C VAL B 99 28.39 7.71 -12.27
N THR B 100 27.47 8.34 -12.98
CA THR B 100 27.71 8.85 -14.32
C THR B 100 26.95 10.15 -14.50
N VAL B 101 27.42 10.98 -15.43
CA VAL B 101 26.83 12.28 -15.69
C VAL B 101 26.60 12.41 -17.19
N TYR B 102 25.54 13.14 -17.56
CA TYR B 102 25.19 13.37 -18.95
C TYR B 102 24.23 14.53 -19.04
N PRO B 103 24.34 15.39 -20.04
CA PRO B 103 23.42 16.53 -20.15
C PRO B 103 22.12 16.18 -20.87
N SER B 104 20.99 16.55 -20.28
CA SER B 104 19.70 16.35 -20.93
C SER B 104 19.55 17.38 -22.06
N LYS B 105 18.99 16.93 -23.18
CA LYS B 105 18.82 17.77 -24.36
C LYS B 105 20.13 18.37 -24.84
N HIS B 112 20.92 22.72 -23.42
CA HIS B 112 22.09 22.64 -22.56
C HIS B 112 21.81 23.20 -21.18
N ASN B 113 21.21 22.37 -20.32
CA ASN B 113 20.93 22.73 -18.93
C ASN B 113 20.46 21.51 -18.16
N LEU B 114 20.16 21.69 -16.87
CA LEU B 114 19.64 20.62 -16.02
C LEU B 114 20.58 19.41 -16.00
N LEU B 115 21.86 19.68 -15.75
CA LEU B 115 22.86 18.62 -15.71
C LEU B 115 22.52 17.61 -14.62
N VAL B 116 22.37 16.34 -15.02
CA VAL B 116 21.92 15.28 -14.13
C VAL B 116 23.10 14.37 -13.81
N CYS B 117 23.19 13.98 -12.54
CA CYS B 117 24.24 13.07 -12.06
C CYS B 117 23.54 11.80 -11.60
N SER B 118 23.74 10.72 -12.34
CA SER B 118 23.06 9.45 -12.08
C SER B 118 23.82 8.67 -11.02
N VAL B 119 23.21 8.50 -9.87
CA VAL B 119 23.72 7.64 -8.81
C VAL B 119 22.82 6.41 -8.78
N SER B 120 23.31 5.29 -9.29
CA SER B 120 22.49 4.10 -9.51
C SER B 120 23.13 2.88 -8.90
N GLY B 121 22.29 1.93 -8.49
CA GLY B 121 22.74 0.63 -8.02
C GLY B 121 23.61 0.67 -6.79
N PHE B 122 23.22 1.46 -5.78
CA PHE B 122 23.99 1.58 -4.56
C PHE B 122 23.16 1.12 -3.36
N TYR B 123 23.85 0.80 -2.27
CA TYR B 123 23.22 0.43 -1.04
C TYR B 123 24.20 0.72 0.08
N PRO B 124 23.75 1.35 1.17
CA PRO B 124 22.37 1.78 1.47
C PRO B 124 21.96 3.03 0.72
N GLY B 125 20.79 3.59 1.04
CA GLY B 125 20.26 4.76 0.38
C GLY B 125 20.74 6.09 0.92
N SER B 126 21.54 6.10 1.99
CA SER B 126 22.03 7.33 2.58
C SER B 126 23.12 7.90 1.69
N ILE B 127 22.69 8.62 0.65
CA ILE B 127 23.58 9.19 -0.33
C ILE B 127 23.83 10.66 0.02
N GLU B 128 24.88 11.23 -0.56
CA GLU B 128 25.23 12.64 -0.37
C GLU B 128 25.82 13.14 -1.67
N VAL B 129 25.03 13.88 -2.44
CA VAL B 129 25.43 14.36 -3.76
C VAL B 129 25.57 15.87 -3.68
N ARG B 130 26.74 16.37 -4.07
CA ARG B 130 27.02 17.80 -4.09
C ARG B 130 27.64 18.17 -5.42
N TRP B 131 27.23 19.31 -5.97
CA TRP B 131 27.77 19.82 -7.22
C TRP B 131 28.82 20.88 -6.95
N PHE B 132 29.85 20.90 -7.79
CA PHE B 132 30.97 21.82 -7.63
C PHE B 132 31.28 22.49 -8.96
N ARG B 133 31.71 23.75 -8.89
CA ARG B 133 32.19 24.49 -10.05
C ARG B 133 33.65 24.84 -9.79
N ASN B 134 34.56 23.93 -10.18
CA ASN B 134 35.98 24.08 -9.94
C ASN B 134 36.27 24.31 -8.46
N GLY B 135 35.58 23.56 -7.61
CA GLY B 135 35.68 23.70 -6.18
C GLY B 135 34.62 24.57 -5.55
N GLN B 136 33.85 25.31 -6.34
CA GLN B 136 32.78 26.16 -5.83
C GLN B 136 31.51 25.33 -5.76
N GLU B 137 31.08 25.02 -4.53
CA GLU B 137 29.88 24.21 -4.33
C GLU B 137 28.65 25.02 -4.72
N GLU B 138 28.02 24.64 -5.84
CA GLU B 138 26.85 25.34 -6.35
C GLU B 138 25.60 24.77 -5.69
N LYS B 139 24.81 25.64 -5.06
CA LYS B 139 23.61 25.23 -4.35
C LYS B 139 22.34 25.90 -4.88
N ALA B 140 22.45 26.68 -5.96
CA ALA B 140 21.30 27.45 -6.43
C ALA B 140 20.35 26.59 -7.28
N GLY B 141 20.85 26.02 -8.37
CA GLY B 141 20.01 25.35 -9.33
C GLY B 141 19.89 23.84 -9.15
N VAL B 142 20.21 23.34 -7.96
CA VAL B 142 20.20 21.90 -7.71
C VAL B 142 18.77 21.44 -7.45
N VAL B 143 18.31 20.45 -8.21
CA VAL B 143 17.01 19.83 -8.02
C VAL B 143 17.18 18.32 -8.11
N SER B 144 16.62 17.61 -7.14
CA SER B 144 16.77 16.16 -7.04
C SER B 144 15.42 15.49 -7.16
N THR B 145 15.37 14.41 -7.96
CA THR B 145 14.13 13.66 -8.10
C THR B 145 13.74 12.95 -6.81
N GLY B 146 14.72 12.55 -6.01
CA GLY B 146 14.48 11.85 -4.76
C GLY B 146 15.17 10.49 -4.75
N LEU B 147 14.94 9.75 -3.67
CA LEU B 147 15.54 8.44 -3.46
C LEU B 147 14.58 7.39 -3.98
N ILE B 148 14.96 6.71 -5.06
CA ILE B 148 14.12 5.71 -5.71
C ILE B 148 14.56 4.33 -5.25
N GLN B 149 13.60 3.53 -4.79
CA GLN B 149 13.85 2.17 -4.33
C GLN B 149 13.46 1.20 -5.44
N ASN B 150 14.41 0.35 -5.84
CA ASN B 150 14.20 -0.56 -6.96
C ASN B 150 13.55 -1.88 -6.56
N GLY B 151 13.44 -2.17 -5.26
CA GLY B 151 12.84 -3.40 -4.80
C GLY B 151 13.76 -4.59 -4.76
N ASP B 152 14.95 -4.49 -5.34
CA ASP B 152 15.92 -5.59 -5.36
C ASP B 152 17.19 -5.22 -4.58
N TRP B 153 17.00 -4.61 -3.42
CA TRP B 153 18.10 -4.23 -2.53
C TRP B 153 19.10 -3.30 -3.21
N THR B 154 18.59 -2.37 -4.00
CA THR B 154 19.40 -1.30 -4.57
C THR B 154 18.62 0.00 -4.51
N PHE B 155 19.29 1.08 -4.89
CA PHE B 155 18.68 2.41 -4.92
C PHE B 155 19.20 3.15 -6.15
N GLN B 156 18.46 4.18 -6.54
CA GLN B 156 18.92 5.09 -7.58
C GLN B 156 18.39 6.49 -7.26
N THR B 157 19.05 7.50 -7.84
CA THR B 157 18.70 8.88 -7.58
C THR B 157 19.29 9.74 -8.67
N LEU B 158 18.48 10.67 -9.19
CA LEU B 158 18.90 11.64 -10.18
C LEU B 158 18.90 13.03 -9.54
N VAL B 159 20.05 13.69 -9.56
CA VAL B 159 20.21 15.04 -9.04
C VAL B 159 20.57 15.95 -10.21
N MET B 160 19.80 17.02 -10.38
CA MET B 160 19.91 17.89 -11.54
C MET B 160 20.40 19.27 -11.12
N LEU B 161 21.32 19.82 -11.91
CA LEU B 161 21.86 21.16 -11.68
C LEU B 161 21.40 22.06 -12.81
N GLU B 162 20.65 23.12 -12.46
CA GLU B 162 19.98 23.93 -13.47
C GLU B 162 20.98 24.74 -14.28
N THR B 163 21.92 25.40 -13.61
CA THR B 163 22.80 26.38 -14.25
C THR B 163 23.87 25.67 -15.06
N VAL B 164 23.79 25.78 -16.39
CA VAL B 164 24.83 25.25 -17.26
C VAL B 164 25.94 26.29 -17.31
N PRO B 165 27.21 25.87 -17.44
CA PRO B 165 28.31 26.85 -17.41
C PRO B 165 28.74 27.34 -18.78
N ARG B 166 29.66 28.31 -18.78
CA ARG B 166 30.34 28.71 -19.99
C ARG B 166 31.38 27.67 -20.37
N SER B 167 32.07 27.90 -21.49
CA SER B 167 33.10 26.98 -21.94
C SER B 167 34.28 26.99 -20.98
N GLY B 168 34.73 25.79 -20.59
CA GLY B 168 35.89 25.63 -19.75
C GLY B 168 35.59 25.42 -18.29
N GLU B 169 34.38 25.72 -17.84
CA GLU B 169 34.01 25.55 -16.43
C GLU B 169 33.67 24.09 -16.20
N VAL B 170 34.58 23.35 -15.56
CA VAL B 170 34.43 21.91 -15.39
C VAL B 170 33.59 21.67 -14.14
N TYR B 171 32.34 21.26 -14.34
CA TYR B 171 31.47 20.90 -13.23
C TYR B 171 31.84 19.52 -12.71
N THR B 172 31.73 19.32 -11.41
CA THR B 172 32.14 18.08 -10.75
C THR B 172 31.01 17.60 -9.86
N CYS B 173 30.54 16.38 -10.11
CA CYS B 173 29.57 15.74 -9.23
C CYS B 173 30.32 14.84 -8.25
N GLN B 174 30.24 15.16 -6.96
CA GLN B 174 30.91 14.39 -5.93
C GLN B 174 29.88 13.58 -5.16
N VAL B 175 30.16 12.28 -5.01
CA VAL B 175 29.27 11.36 -4.31
C VAL B 175 30.00 10.81 -3.10
N GLU B 176 29.39 10.94 -1.94
CA GLU B 176 29.95 10.45 -0.68
C GLU B 176 29.00 9.39 -0.14
N HIS B 177 29.46 8.14 -0.12
CA HIS B 177 28.65 7.00 0.26
C HIS B 177 29.41 6.15 1.26
N PRO B 178 28.71 5.49 2.19
CA PRO B 178 29.41 4.65 3.19
C PRO B 178 30.24 3.52 2.59
N SER B 179 30.04 3.18 1.31
CA SER B 179 30.78 2.10 0.69
C SER B 179 32.19 2.49 0.29
N VAL B 180 32.51 3.79 0.26
CA VAL B 180 33.81 4.26 -0.18
C VAL B 180 34.28 5.35 0.77
N THR B 181 35.57 5.33 1.10
CA THR B 181 36.16 6.38 1.92
C THR B 181 36.51 7.61 1.08
N SER B 182 37.18 7.39 -0.05
CA SER B 182 37.45 8.49 -0.98
C SER B 182 36.21 8.76 -1.80
N PRO B 183 35.66 9.97 -1.78
CA PRO B 183 34.41 10.24 -2.50
C PRO B 183 34.58 10.01 -4.00
N LEU B 184 33.52 9.47 -4.62
CA LEU B 184 33.51 9.23 -6.05
C LEU B 184 33.19 10.53 -6.78
N THR B 185 34.12 10.99 -7.61
CA THR B 185 33.95 12.22 -8.35
C THR B 185 33.92 11.92 -9.85
N VAL B 186 32.88 12.39 -10.52
CA VAL B 186 32.75 12.28 -11.96
C VAL B 186 32.61 13.69 -12.50
N GLU B 187 33.56 14.12 -13.33
CA GLU B 187 33.60 15.48 -13.81
C GLU B 187 33.00 15.57 -15.22
N TRP B 188 32.36 16.71 -15.49
CA TRP B 188 31.79 17.00 -16.80
C TRP B 188 32.39 18.30 -17.33
N ARG B 189 32.70 18.29 -18.62
CA ARG B 189 33.38 19.40 -19.27
C ARG B 189 32.34 20.31 -19.94
N ALA B 190 32.82 21.33 -20.65
CA ALA B 190 31.94 22.30 -21.28
C ALA B 190 32.25 22.46 -22.76
N SER B 191 31.62 23.44 -23.39
CA SER B 191 31.81 23.70 -24.81
C SER B 191 33.27 24.06 -25.12
N LYS C 2 1.41 -43.98 20.31
CA LYS C 2 2.47 -43.03 20.03
C LYS C 2 3.18 -42.60 21.31
N LEU C 3 4.41 -43.06 21.49
CA LEU C 3 5.21 -42.64 22.62
C LEU C 3 5.63 -41.18 22.44
N ARG C 4 5.91 -40.52 23.57
CA ARG C 4 6.29 -39.11 23.54
C ARG C 4 7.55 -38.91 22.70
N CYS C 5 7.57 -37.83 21.93
CA CYS C 5 8.73 -37.51 21.12
C CYS C 5 9.95 -37.30 22.01
N GLU C 6 11.08 -37.92 21.61
CA GLU C 6 12.29 -37.80 22.41
C GLU C 6 12.80 -36.37 22.43
N ASN C 7 12.77 -35.69 21.28
CA ASN C 7 13.22 -34.30 21.17
C ASN C 7 12.15 -33.49 20.45
N PRO C 8 11.08 -33.13 21.14
CA PRO C 8 10.05 -32.30 20.50
C PRO C 8 10.60 -30.94 20.11
N LYS C 9 10.15 -30.44 18.96
CA LYS C 9 10.57 -29.13 18.48
C LYS C 9 9.75 -28.04 19.17
N LYS C 10 9.97 -26.79 18.79
CA LYS C 10 9.20 -25.69 19.35
C LYS C 10 7.76 -25.75 18.85
N ALA C 11 6.84 -25.27 19.70
CA ALA C 11 5.41 -25.27 19.37
C ALA C 11 4.86 -23.87 19.57
N SER C 12 4.38 -23.27 18.49
CA SER C 12 3.76 -21.95 18.56
C SER C 12 2.34 -22.05 19.10
N ILE C 13 1.76 -20.90 19.42
CA ILE C 13 0.40 -20.80 19.92
C ILE C 13 -0.32 -19.72 19.13
N TYR C 14 -1.55 -20.02 18.71
CA TYR C 14 -2.34 -19.09 17.92
C TYR C 14 -3.71 -18.81 18.52
N LEU C 15 -4.02 -19.39 19.69
CA LEU C 15 -5.32 -19.22 20.34
C LEU C 15 -6.46 -19.72 19.46
N ALA C 16 -6.40 -21.01 19.11
CA ALA C 16 -7.41 -21.66 18.28
C ALA C 16 -8.29 -22.61 19.08
N GLN C 17 -8.46 -22.36 20.38
CA GLN C 17 -9.18 -23.31 21.23
C GLN C 17 -10.69 -23.24 21.01
N ASN C 18 -11.23 -22.08 20.68
CA ASN C 18 -12.67 -21.84 20.70
C ASN C 18 -13.26 -21.63 19.31
N LEU C 19 -12.62 -22.16 18.27
CA LEU C 19 -13.20 -22.09 16.93
C LEU C 19 -14.15 -23.26 16.70
N ASN C 20 -15.26 -22.99 16.01
CA ASN C 20 -16.26 -24.00 15.71
C ASN C 20 -16.52 -24.04 14.20
N ASN C 21 -17.09 -25.15 13.77
CA ASN C 21 -17.45 -25.37 12.36
C ASN C 21 -16.23 -25.27 11.45
N VAL C 22 -15.22 -26.07 11.75
CA VAL C 22 -14.01 -26.12 10.94
C VAL C 22 -13.97 -27.39 10.07
N VAL C 23 -14.64 -28.46 10.47
CA VAL C 23 -14.59 -29.72 9.74
C VAL C 23 -15.48 -29.64 8.51
N PHE C 24 -14.93 -29.99 7.35
CA PHE C 24 -15.72 -30.08 6.14
C PHE C 24 -16.63 -31.31 6.20
N THR C 25 -17.91 -31.11 5.94
CA THR C 25 -18.84 -32.22 5.91
C THR C 25 -18.65 -33.05 4.64
N ASN C 26 -19.33 -34.18 4.58
CA ASN C 26 -19.18 -35.09 3.45
C ASN C 26 -19.60 -34.43 2.15
N LYS C 27 -20.66 -33.61 2.20
CA LYS C 27 -21.13 -32.92 0.99
C LYS C 27 -20.07 -31.97 0.46
N GLU C 28 -19.42 -31.22 1.35
CA GLU C 28 -18.39 -30.28 0.91
C GLU C 28 -17.19 -31.00 0.31
N LEU C 29 -16.83 -32.16 0.87
CA LEU C 29 -15.71 -32.93 0.33
C LEU C 29 -16.02 -33.39 -1.10
N GLU C 30 -17.24 -33.85 -1.35
CA GLU C 30 -17.60 -34.33 -2.68
C GLU C 30 -17.51 -33.22 -3.71
N ASP C 31 -17.86 -31.99 -3.33
CA ASP C 31 -17.70 -30.86 -4.24
C ASP C 31 -16.24 -30.65 -4.61
N ILE C 32 -15.35 -30.82 -3.62
CA ILE C 32 -13.92 -30.71 -3.90
C ILE C 32 -13.46 -31.82 -4.84
N TYR C 33 -13.90 -33.05 -4.57
CA TYR C 33 -13.50 -34.18 -5.42
C TYR C 33 -14.08 -34.06 -6.83
N ASP C 34 -15.32 -33.58 -6.96
CA ASP C 34 -15.95 -33.46 -8.28
C ASP C 34 -15.19 -32.57 -9.23
N LEU C 35 -14.37 -31.64 -8.72
CA LEU C 35 -13.52 -30.83 -9.58
C LEU C 35 -12.43 -31.65 -10.26
N SER C 36 -12.17 -32.87 -9.79
CA SER C 36 -11.24 -33.79 -10.44
C SER C 36 -12.05 -34.70 -11.34
N ASN C 37 -12.16 -34.33 -12.62
CA ASN C 37 -13.01 -35.04 -13.56
C ASN C 37 -12.30 -35.46 -14.83
N LYS C 38 -11.01 -35.15 -14.98
CA LYS C 38 -10.30 -35.49 -16.21
C LYS C 38 -9.79 -36.93 -16.14
N GLU C 39 -9.14 -37.37 -17.22
CA GLU C 39 -8.74 -38.75 -17.39
C GLU C 39 -7.44 -39.11 -16.68
N GLU C 40 -6.71 -38.11 -16.15
CA GLU C 40 -5.42 -38.34 -15.54
C GLU C 40 -5.44 -38.24 -14.02
N THR C 41 -6.49 -37.66 -13.44
CA THR C 41 -6.58 -37.49 -12.00
C THR C 41 -7.22 -38.66 -11.28
N LYS C 42 -7.76 -39.63 -12.03
CA LYS C 42 -8.51 -40.72 -11.40
C LYS C 42 -7.61 -41.55 -10.49
N GLU C 43 -6.39 -41.87 -10.94
CA GLU C 43 -5.49 -42.68 -10.13
C GLU C 43 -5.08 -41.95 -8.86
N VAL C 44 -4.75 -40.65 -8.98
CA VAL C 44 -4.24 -39.91 -7.83
C VAL C 44 -5.36 -39.43 -6.91
N LEU C 45 -6.58 -39.26 -7.42
CA LEU C 45 -7.69 -38.85 -6.56
C LEU C 45 -8.00 -39.91 -5.51
N LYS C 46 -7.90 -41.19 -5.90
CA LYS C 46 -8.11 -42.25 -4.93
C LYS C 46 -7.09 -42.18 -3.80
N LYS C 47 -5.82 -41.89 -4.15
CA LYS C 47 -4.82 -41.63 -3.13
C LYS C 47 -5.17 -40.41 -2.30
N PHE C 48 -5.62 -39.34 -2.96
CA PHE C 48 -5.98 -38.12 -2.24
C PHE C 48 -7.13 -38.37 -1.29
N LYS C 49 -8.19 -39.03 -1.77
CA LYS C 49 -9.33 -39.35 -0.92
C LYS C 49 -8.92 -40.29 0.21
N GLU C 50 -8.03 -41.24 -0.09
CA GLU C 50 -7.55 -42.16 0.95
C GLU C 50 -6.77 -41.43 2.03
N LYS C 51 -5.85 -40.55 1.61
CA LYS C 51 -5.08 -39.78 2.58
C LYS C 51 -5.96 -38.81 3.36
N VAL C 52 -6.90 -38.16 2.67
CA VAL C 52 -7.86 -37.31 3.37
C VAL C 52 -8.66 -38.14 4.37
N ASN C 53 -9.07 -39.34 3.97
CA ASN C 53 -9.70 -40.25 4.92
C ASN C 53 -8.72 -40.65 6.03
N GLN C 54 -7.45 -40.84 5.69
CA GLN C 54 -6.44 -41.06 6.72
C GLN C 54 -6.30 -39.84 7.64
N PHE C 55 -6.31 -38.64 7.05
CA PHE C 55 -6.21 -37.43 7.85
C PHE C 55 -7.40 -37.30 8.81
N TYR C 56 -8.61 -37.58 8.32
CA TYR C 56 -9.79 -37.44 9.16
C TYR C 56 -9.74 -38.37 10.36
N ARG C 57 -9.37 -39.64 10.15
CA ARG C 57 -9.29 -40.58 11.26
C ARG C 57 -8.21 -40.19 12.24
N HIS C 58 -7.03 -39.80 11.74
CA HIS C 58 -5.96 -39.37 12.64
C HIS C 58 -6.37 -38.12 13.42
N ALA C 59 -6.97 -37.14 12.75
CA ALA C 59 -7.40 -35.93 13.42
C ALA C 59 -8.48 -36.23 14.46
N PHE C 60 -9.47 -37.04 14.09
CA PHE C 60 -10.57 -37.33 15.01
C PHE C 60 -10.16 -38.30 16.10
N ASP C 61 -9.02 -38.99 15.95
CA ASP C 61 -8.49 -39.78 17.05
C ASP C 61 -7.82 -38.89 18.11
N ILE C 62 -7.20 -37.79 17.69
CA ILE C 62 -6.54 -36.89 18.63
C ILE C 62 -7.55 -36.27 19.58
N ILE C 63 -8.69 -35.84 19.07
CA ILE C 63 -9.70 -35.20 19.89
C ILE C 63 -10.34 -36.18 20.89
N ASN C 64 -10.25 -37.48 20.61
CA ASN C 64 -10.97 -38.45 21.44
C ASN C 64 -10.35 -38.55 22.84
N LYS C 65 -9.08 -38.94 22.92
CA LYS C 65 -8.45 -39.11 24.22
C LYS C 65 -7.73 -37.85 24.69
N TYR C 66 -6.82 -37.32 23.88
CA TYR C 66 -6.09 -36.12 24.28
C TYR C 66 -7.00 -34.90 24.27
N GLY C 67 -7.77 -34.72 23.20
CA GLY C 67 -8.69 -33.61 23.12
C GLY C 67 -8.02 -32.25 23.06
N ASP C 68 -6.93 -32.14 22.29
CA ASP C 68 -6.19 -30.88 22.16
C ASP C 68 -6.88 -30.05 21.10
N LYS C 69 -7.77 -29.14 21.54
CA LYS C 69 -8.50 -28.30 20.59
C LYS C 69 -7.56 -27.37 19.82
N GLU C 70 -6.47 -26.92 20.44
CA GLU C 70 -5.56 -26.00 19.78
C GLU C 70 -4.98 -26.60 18.51
N VAL C 71 -4.47 -27.82 18.60
CA VAL C 71 -3.85 -28.45 17.44
C VAL C 71 -4.88 -29.12 16.53
N PHE C 72 -6.02 -29.54 17.10
CA PHE C 72 -7.09 -30.08 16.27
C PHE C 72 -7.64 -29.01 15.34
N ASN C 73 -8.02 -27.85 15.89
CA ASN C 73 -8.54 -26.77 15.07
C ASN C 73 -7.47 -26.23 14.13
N MET C 74 -6.22 -26.14 14.62
CA MET C 74 -5.14 -25.69 13.77
C MET C 74 -4.91 -26.65 12.61
N MET C 75 -5.16 -27.94 12.83
CA MET C 75 -5.03 -28.91 11.75
C MET C 75 -6.01 -28.62 10.62
N PHE C 76 -7.28 -28.39 10.96
CA PHE C 76 -8.29 -28.10 9.96
C PHE C 76 -8.15 -26.70 9.39
N LEU C 77 -7.76 -25.72 10.22
CA LEU C 77 -7.46 -24.39 9.70
C LEU C 77 -6.36 -24.46 8.64
N LYS C 78 -5.32 -25.25 8.90
CA LYS C 78 -4.31 -25.48 7.89
C LYS C 78 -4.85 -26.33 6.74
N LEU C 79 -5.74 -27.27 7.03
CA LEU C 79 -6.38 -28.04 5.96
C LEU C 79 -7.25 -27.14 5.09
N SER C 80 -7.95 -26.18 5.70
CA SER C 80 -8.72 -25.22 4.92
C SER C 80 -7.84 -24.51 3.90
N VAL C 81 -6.59 -24.20 4.27
CA VAL C 81 -5.66 -23.60 3.32
C VAL C 81 -5.28 -24.59 2.24
N VAL C 82 -5.15 -25.87 2.60
CA VAL C 82 -4.80 -26.89 1.61
C VAL C 82 -5.94 -27.09 0.62
N PHE C 83 -7.18 -27.16 1.12
CA PHE C 83 -8.32 -27.30 0.22
C PHE C 83 -8.48 -26.09 -0.69
N ASP C 84 -8.04 -24.92 -0.23
CA ASP C 84 -8.01 -23.76 -1.12
C ASP C 84 -7.08 -24.02 -2.30
N ILE C 85 -5.91 -24.60 -2.04
CA ILE C 85 -5.01 -24.97 -3.13
C ILE C 85 -5.62 -26.08 -3.97
N GLN C 86 -6.32 -27.01 -3.32
CA GLN C 86 -7.00 -28.08 -4.06
C GLN C 86 -8.10 -27.53 -4.96
N ARG C 87 -8.85 -26.53 -4.47
CA ARG C 87 -9.92 -25.95 -5.27
C ARG C 87 -9.37 -25.26 -6.52
N LYS C 88 -8.28 -24.51 -6.38
CA LYS C 88 -7.75 -23.79 -7.54
C LYS C 88 -7.10 -24.72 -8.55
N GLU C 89 -6.62 -25.89 -8.12
CA GLU C 89 -6.02 -26.87 -9.03
C GLU C 89 -6.37 -28.26 -8.50
N ALA C 90 -7.46 -28.83 -9.02
CA ALA C 90 -7.89 -30.18 -8.67
C ALA C 90 -7.56 -31.20 -9.74
N ASN C 91 -6.88 -30.80 -10.82
CA ASN C 91 -6.43 -31.72 -11.85
C ASN C 91 -4.92 -31.69 -12.01
N ASN C 92 -4.21 -31.07 -11.07
CA ASN C 92 -2.74 -31.01 -11.11
C ASN C 92 -2.21 -32.21 -10.35
N VAL C 93 -1.58 -33.15 -11.07
CA VAL C 93 -1.12 -34.38 -10.44
C VAL C 93 -0.02 -34.10 -9.43
N GLU C 94 0.95 -33.25 -9.79
CA GLU C 94 2.06 -32.95 -8.89
C GLU C 94 1.56 -32.25 -7.63
N GLN C 95 0.65 -31.29 -7.78
CA GLN C 95 0.17 -30.54 -6.62
C GLN C 95 -0.59 -31.43 -5.65
N ILE C 96 -1.36 -32.38 -6.17
CA ILE C 96 -2.11 -33.29 -5.30
C ILE C 96 -1.15 -34.12 -4.46
N LYS C 97 -0.08 -34.63 -5.09
CA LYS C 97 0.93 -35.37 -4.33
C LYS C 97 1.60 -34.46 -3.29
N ARG C 98 1.88 -33.22 -3.66
CA ARG C 98 2.41 -32.26 -2.69
C ARG C 98 1.40 -32.01 -1.56
N ASN C 99 0.11 -31.91 -1.90
CA ASN C 99 -0.90 -31.74 -0.87
C ASN C 99 -1.02 -32.98 0.00
N ILE C 100 -0.71 -34.16 -0.57
CA ILE C 100 -0.67 -35.38 0.24
C ILE C 100 0.49 -35.31 1.22
N ALA C 101 1.68 -34.94 0.73
CA ALA C 101 2.82 -34.75 1.62
C ALA C 101 2.56 -33.64 2.62
N THR C 102 1.94 -32.54 2.17
CA THR C 102 1.59 -31.46 3.08
C THR C 102 0.64 -31.95 4.17
N LEU C 103 -0.36 -32.74 3.79
CA LEU C 103 -1.30 -33.26 4.79
C LEU C 103 -0.60 -34.24 5.74
N ASP C 104 0.44 -34.91 5.28
CA ASP C 104 1.23 -35.74 6.17
C ASP C 104 2.14 -34.90 7.06
N GLU C 105 2.66 -33.79 6.54
CA GLU C 105 3.42 -32.87 7.37
C GLU C 105 2.55 -32.30 8.49
N ILE C 106 1.31 -31.92 8.16
CA ILE C 106 0.41 -31.38 9.17
C ILE C 106 0.11 -32.41 10.24
N MET C 107 -0.06 -33.68 9.84
CA MET C 107 -0.21 -34.75 10.81
C MET C 107 1.06 -34.94 11.62
N ALA C 108 2.22 -34.87 10.97
CA ALA C 108 3.48 -34.94 11.70
C ALA C 108 3.65 -33.76 12.64
N LYS C 109 3.31 -32.55 12.17
CA LYS C 109 3.37 -31.38 13.04
C LYS C 109 2.38 -31.50 14.19
N ALA C 110 1.20 -32.07 13.94
CA ALA C 110 0.22 -32.25 15.01
C ALA C 110 0.76 -33.16 16.10
N ASP C 111 1.37 -34.29 15.71
CA ASP C 111 2.00 -35.15 16.70
C ASP C 111 3.18 -34.45 17.37
N ASN C 112 3.99 -33.74 16.59
CA ASN C 112 5.13 -33.03 17.16
C ASN C 112 4.68 -31.99 18.17
N ASP C 113 3.63 -31.23 17.85
CA ASP C 113 3.14 -30.24 18.79
C ASP C 113 2.43 -30.88 19.99
N LEU C 114 1.78 -32.03 19.77
CA LEU C 114 1.04 -32.65 20.86
C LEU C 114 1.97 -33.24 21.92
N CYS C 115 3.04 -33.90 21.50
CA CYS C 115 3.99 -34.44 22.47
C CYS C 115 4.74 -33.33 23.20
N TYR C 116 4.85 -32.15 22.58
CA TYR C 116 5.43 -31.00 23.27
C TYR C 116 4.50 -30.49 24.36
N PHE C 117 3.21 -30.33 24.04
CA PHE C 117 2.28 -29.70 24.98
C PHE C 117 2.04 -30.59 26.20
N ILE C 118 1.98 -31.91 26.00
CA ILE C 118 1.74 -32.81 27.13
C ILE C 118 2.90 -32.76 28.12
N SER C 119 4.14 -32.73 27.61
CA SER C 119 5.29 -32.62 28.50
C SER C 119 5.26 -31.32 29.30
N GLN C 120 4.88 -30.22 28.64
CA GLN C 120 4.77 -28.93 29.32
C GLN C 120 3.57 -28.91 30.26
N GLN D 1 7.88 21.71 -2.44
CA GLN D 1 6.73 20.89 -2.07
C GLN D 1 5.54 21.19 -2.98
N VAL D 2 4.43 20.53 -2.73
CA VAL D 2 3.23 20.67 -3.57
C VAL D 2 2.45 21.89 -3.11
N GLN D 3 2.25 22.86 -4.00
CA GLN D 3 1.51 24.06 -3.68
C GLN D 3 0.65 24.45 -4.88
N LEU D 4 -0.48 25.08 -4.59
CA LEU D 4 -1.39 25.58 -5.61
C LEU D 4 -1.79 27.02 -5.25
N LYS D 5 -1.79 27.89 -6.25
CA LYS D 5 -2.05 29.31 -6.04
C LYS D 5 -3.03 29.82 -7.08
N GLU D 6 -4.13 30.41 -6.63
CA GLU D 6 -5.13 31.00 -7.50
C GLU D 6 -4.95 32.51 -7.56
N SER D 7 -5.07 33.06 -8.77
CA SER D 7 -5.02 34.51 -8.98
C SER D 7 -6.08 34.91 -9.99
N GLY D 8 -6.62 36.12 -9.82
CA GLY D 8 -7.61 36.64 -10.73
C GLY D 8 -8.21 37.94 -10.25
N PRO D 9 -8.76 38.73 -11.18
CA PRO D 9 -9.38 40.00 -10.82
C PRO D 9 -10.56 39.79 -9.88
N GLY D 10 -10.76 40.76 -8.98
CA GLY D 10 -11.84 40.66 -8.01
C GLY D 10 -13.09 41.43 -8.38
N LEU D 11 -12.96 42.39 -9.29
CA LEU D 11 -14.09 43.21 -9.72
C LEU D 11 -14.80 42.53 -10.89
N VAL D 12 -16.07 42.20 -10.69
CA VAL D 12 -16.87 41.50 -11.70
C VAL D 12 -18.16 42.29 -11.88
N ALA D 13 -18.17 43.18 -12.87
CA ALA D 13 -19.39 43.90 -13.20
C ALA D 13 -20.39 42.94 -13.84
N PRO D 14 -21.70 43.19 -13.66
CA PRO D 14 -22.70 42.27 -14.19
C PRO D 14 -22.61 42.14 -15.71
N SER D 15 -22.85 40.92 -16.19
CA SER D 15 -22.86 40.61 -17.62
C SER D 15 -21.51 40.95 -18.28
N GLN D 16 -20.45 40.33 -17.76
CA GLN D 16 -19.11 40.46 -18.31
C GLN D 16 -18.46 39.08 -18.40
N SER D 17 -17.16 39.05 -18.67
CA SER D 17 -16.39 37.82 -18.83
C SER D 17 -15.44 37.67 -17.65
N LEU D 18 -15.32 36.43 -17.16
CA LEU D 18 -14.48 36.11 -16.01
C LEU D 18 -13.35 35.17 -16.42
N SER D 19 -12.24 35.24 -15.70
CA SER D 19 -11.11 34.35 -15.93
C SER D 19 -10.32 34.18 -14.64
N ILE D 20 -9.98 32.93 -14.32
CA ILE D 20 -9.22 32.59 -13.12
C ILE D 20 -8.04 31.73 -13.53
N THR D 21 -6.92 31.87 -12.83
CA THR D 21 -5.70 31.12 -13.12
C THR D 21 -5.20 30.46 -11.85
N CYS D 22 -4.73 29.21 -11.98
CA CYS D 22 -4.19 28.43 -10.87
C CYS D 22 -2.77 28.04 -11.24
N THR D 23 -1.83 28.30 -10.33
CA THR D 23 -0.42 27.98 -10.54
C THR D 23 0.02 26.91 -9.55
N VAL D 24 0.72 25.90 -10.04
CA VAL D 24 1.08 24.74 -9.24
C VAL D 24 2.58 24.50 -9.30
N SER D 25 3.14 24.07 -8.18
CA SER D 25 4.54 23.75 -8.08
C SER D 25 4.72 22.50 -7.24
N GLY D 26 5.81 21.77 -7.49
CA GLY D 26 6.10 20.55 -6.76
C GLY D 26 5.63 19.27 -7.40
N PHE D 27 5.04 19.35 -8.59
CA PHE D 27 4.59 18.17 -9.33
C PHE D 27 4.43 18.57 -10.79
N SER D 28 3.90 17.66 -11.60
CA SER D 28 3.67 17.91 -13.00
C SER D 28 2.21 17.68 -13.34
N LEU D 29 1.71 18.46 -14.31
CA LEU D 29 0.35 18.31 -14.79
C LEU D 29 0.19 17.16 -15.78
N THR D 30 1.30 16.64 -16.32
CA THR D 30 1.25 15.45 -17.15
C THR D 30 0.95 14.19 -16.36
N SER D 31 1.00 14.26 -15.03
CA SER D 31 0.70 13.12 -14.18
C SER D 31 -0.44 13.36 -13.20
N TYR D 32 -0.94 14.59 -13.11
CA TYR D 32 -2.00 14.91 -12.16
C TYR D 32 -3.06 15.77 -12.84
N GLY D 33 -4.28 15.69 -12.32
CA GLY D 33 -5.39 16.46 -12.85
C GLY D 33 -5.83 17.53 -11.86
N VAL D 34 -6.46 18.57 -12.38
CA VAL D 34 -6.83 19.75 -11.60
C VAL D 34 -8.34 19.90 -11.60
N HIS D 35 -8.92 19.95 -10.40
CA HIS D 35 -10.33 20.26 -10.22
C HIS D 35 -10.51 21.76 -9.99
N TRP D 36 -11.75 22.22 -10.16
CA TRP D 36 -12.11 23.60 -9.91
C TRP D 36 -13.35 23.65 -9.03
N VAL D 37 -13.27 24.40 -7.93
CA VAL D 37 -14.38 24.53 -6.99
C VAL D 37 -14.57 26.02 -6.70
N ARG D 38 -15.80 26.37 -6.29
CA ARG D 38 -16.10 27.75 -5.92
C ARG D 38 -17.01 27.74 -4.70
N GLN D 39 -17.00 28.87 -3.98
CA GLN D 39 -17.77 28.97 -2.75
C GLN D 39 -18.35 30.37 -2.57
N PRO D 40 -19.68 30.53 -2.65
CA PRO D 40 -20.27 31.83 -2.39
C PRO D 40 -19.99 32.27 -0.97
N PRO D 41 -19.90 33.58 -0.73
CA PRO D 41 -19.56 34.08 0.61
C PRO D 41 -20.55 33.60 1.67
N GLY D 42 -20.04 32.85 2.64
CA GLY D 42 -20.85 32.39 3.74
C GLY D 42 -21.73 31.20 3.43
N LYS D 43 -21.45 30.45 2.38
CA LYS D 43 -22.25 29.28 2.01
C LYS D 43 -21.32 28.15 1.59
N GLY D 44 -21.90 27.11 1.00
CA GLY D 44 -21.16 25.88 0.75
C GLY D 44 -20.38 25.89 -0.55
N LEU D 45 -19.71 24.76 -0.80
CA LEU D 45 -18.85 24.59 -1.96
C LEU D 45 -19.63 23.95 -3.11
N GLU D 46 -19.14 24.17 -4.34
CA GLU D 46 -19.77 23.62 -5.53
C GLU D 46 -18.70 23.25 -6.54
N TRP D 47 -18.63 21.98 -6.91
CA TRP D 47 -17.69 21.54 -7.92
C TRP D 47 -18.10 22.09 -9.29
N LEU D 48 -17.14 22.66 -10.02
CA LEU D 48 -17.41 23.23 -11.33
C LEU D 48 -17.01 22.28 -12.45
N GLY D 49 -15.75 21.87 -12.48
CA GLY D 49 -15.28 20.98 -13.51
C GLY D 49 -13.99 20.32 -13.09
N VAL D 50 -13.37 19.63 -14.05
CA VAL D 50 -12.11 18.94 -13.82
C VAL D 50 -11.46 18.68 -15.16
N ILE D 51 -10.14 18.78 -15.20
CA ILE D 51 -9.34 18.36 -16.34
C ILE D 51 -8.31 17.36 -15.85
N TRP D 52 -8.23 16.21 -16.51
CA TRP D 52 -7.34 15.14 -16.09
C TRP D 52 -5.98 15.27 -16.79
N ALA D 53 -5.05 14.41 -16.36
CA ALA D 53 -3.68 14.49 -16.89
C ALA D 53 -3.64 14.26 -18.39
N GLY D 54 -4.53 13.42 -18.91
CA GLY D 54 -4.59 13.19 -20.35
C GLY D 54 -5.28 14.28 -21.13
N GLY D 55 -6.09 15.10 -20.47
CA GLY D 55 -6.80 16.18 -21.13
C GLY D 55 -8.31 16.05 -21.16
N SER D 56 -8.86 14.94 -20.67
CA SER D 56 -10.31 14.79 -20.66
C SER D 56 -10.94 15.73 -19.64
N ILE D 57 -11.96 16.46 -20.06
CA ILE D 57 -12.59 17.50 -19.26
C ILE D 57 -14.04 17.11 -18.99
N ASN D 58 -14.46 17.23 -17.74
CA ASN D 58 -15.82 16.91 -17.31
C ASN D 58 -16.38 18.10 -16.53
N TYR D 59 -17.32 18.82 -17.13
CA TYR D 59 -17.93 19.97 -16.49
C TYR D 59 -19.14 19.54 -15.65
N ASN D 60 -19.79 20.52 -15.05
CA ASN D 60 -21.03 20.30 -14.30
C ASN D 60 -22.22 20.55 -15.22
N SER D 61 -23.22 19.68 -15.12
CA SER D 61 -24.39 19.81 -15.99
C SER D 61 -25.16 21.08 -15.70
N ALA D 62 -25.29 21.45 -14.42
CA ALA D 62 -26.06 22.63 -14.06
C ALA D 62 -25.44 23.91 -14.65
N LEU D 63 -24.12 24.02 -14.59
CA LEU D 63 -23.42 25.22 -15.04
C LEU D 63 -22.77 25.07 -16.40
N MET D 64 -23.12 24.02 -17.14
CA MET D 64 -22.57 23.84 -18.48
C MET D 64 -23.09 24.95 -19.41
N SER D 65 -22.47 25.05 -20.58
CA SER D 65 -22.64 26.11 -21.57
C SER D 65 -22.01 27.42 -21.15
N ARG D 66 -21.41 27.48 -19.96
CA ARG D 66 -20.68 28.64 -19.49
C ARG D 66 -19.25 28.31 -19.08
N LEU D 67 -19.03 27.16 -18.47
CA LEU D 67 -17.71 26.80 -17.97
C LEU D 67 -16.75 26.47 -19.11
N SER D 68 -15.46 26.62 -18.83
CA SER D 68 -14.42 26.29 -19.80
C SER D 68 -13.12 26.10 -19.03
N ILE D 69 -12.51 24.93 -19.18
CA ILE D 69 -11.30 24.56 -18.46
C ILE D 69 -10.23 24.17 -19.46
N SER D 70 -9.01 24.69 -19.27
CA SER D 70 -7.89 24.38 -20.13
C SER D 70 -6.65 24.20 -19.26
N LYS D 71 -5.52 23.94 -19.92
CA LYS D 71 -4.26 23.72 -19.22
C LYS D 71 -3.10 24.14 -20.11
N ASP D 72 -1.93 24.26 -19.49
CA ASP D 72 -0.66 24.41 -20.20
C ASP D 72 0.39 23.69 -19.36
N ASN D 73 0.74 22.47 -19.77
CA ASN D 73 1.63 21.64 -18.96
C ASN D 73 3.02 22.27 -18.84
N PHE D 74 3.51 22.90 -19.92
CA PHE D 74 4.82 23.52 -19.89
C PHE D 74 4.88 24.66 -18.87
N LYS D 75 3.85 25.50 -18.84
CA LYS D 75 3.81 26.62 -17.91
C LYS D 75 3.31 26.24 -16.52
N SER D 76 2.81 25.01 -16.35
CA SER D 76 2.40 24.50 -15.04
C SER D 76 1.31 25.37 -14.41
N GLN D 77 0.37 25.82 -15.22
CA GLN D 77 -0.73 26.65 -14.74
C GLN D 77 -2.04 26.20 -15.37
N VAL D 78 -3.13 26.41 -14.63
CA VAL D 78 -4.47 26.00 -15.05
C VAL D 78 -5.32 27.25 -15.27
N PHE D 79 -6.36 27.11 -16.08
CA PHE D 79 -7.23 28.23 -16.45
C PHE D 79 -8.69 27.86 -16.27
N LEU D 80 -9.49 28.84 -15.86
CA LEU D 80 -10.93 28.73 -15.80
C LEU D 80 -11.55 29.96 -16.44
N LYS D 81 -12.71 29.77 -17.07
CA LYS D 81 -13.45 30.87 -17.67
C LYS D 81 -14.93 30.67 -17.41
N MET D 82 -15.66 31.77 -17.24
CA MET D 82 -17.11 31.73 -16.96
C MET D 82 -17.73 32.97 -17.59
N SER D 83 -18.30 32.81 -18.78
CA SER D 83 -18.91 33.91 -19.50
C SER D 83 -20.27 34.26 -18.90
N SER D 84 -20.77 35.44 -19.27
CA SER D 84 -22.09 35.93 -18.90
C SER D 84 -22.25 35.99 -17.38
N LEU D 85 -21.44 36.87 -16.79
CA LEU D 85 -21.40 37.04 -15.34
C LEU D 85 -22.75 37.52 -14.81
N GLN D 86 -22.99 37.25 -13.54
CA GLN D 86 -24.21 37.67 -12.86
C GLN D 86 -23.88 37.90 -11.39
N THR D 87 -24.92 38.11 -10.58
CA THR D 87 -24.74 38.44 -9.17
C THR D 87 -24.46 37.22 -8.30
N ASP D 88 -24.72 36.00 -8.80
CA ASP D 88 -24.45 34.80 -8.03
C ASP D 88 -23.06 34.22 -8.31
N ASP D 89 -22.29 34.83 -9.21
CA ASP D 89 -20.92 34.41 -9.45
C ASP D 89 -19.95 34.98 -8.43
N THR D 90 -20.42 35.83 -7.52
CA THR D 90 -19.60 36.32 -6.42
C THR D 90 -19.27 35.16 -5.49
N ALA D 91 -17.98 34.80 -5.43
CA ALA D 91 -17.56 33.62 -4.70
C ALA D 91 -16.04 33.59 -4.61
N MET D 92 -15.54 32.59 -3.89
CA MET D 92 -14.12 32.28 -3.83
C MET D 92 -13.84 31.10 -4.76
N TYR D 93 -12.83 31.24 -5.61
CA TYR D 93 -12.49 30.24 -6.62
C TYR D 93 -11.24 29.50 -6.20
N TYR D 94 -11.30 28.17 -6.22
CA TYR D 94 -10.20 27.32 -5.76
C TYR D 94 -9.80 26.34 -6.86
N CYS D 95 -8.65 25.70 -6.65
CA CYS D 95 -8.20 24.59 -7.47
C CYS D 95 -7.64 23.50 -6.59
N ALA D 96 -7.67 22.26 -7.09
CA ALA D 96 -7.20 21.10 -6.34
C ALA D 96 -6.56 20.13 -7.32
N ARG D 97 -5.77 19.21 -6.77
CA ARG D 97 -4.98 18.26 -7.56
C ARG D 97 -5.47 16.85 -7.35
N ALA D 98 -5.58 16.08 -8.44
CA ALA D 98 -5.92 14.67 -8.39
C ALA D 98 -5.04 13.91 -9.38
N TYR D 99 -4.75 12.65 -9.06
CA TYR D 99 -3.80 11.87 -9.84
C TYR D 99 -4.47 11.21 -11.05
N GLY D 100 -3.73 11.14 -12.15
CA GLY D 100 -4.10 10.28 -13.25
C GLY D 100 -5.20 10.84 -14.14
N ASP D 101 -6.06 9.93 -14.60
CA ASP D 101 -7.07 10.28 -15.60
C ASP D 101 -8.43 9.63 -15.32
N TYR D 102 -8.71 9.23 -14.10
CA TYR D 102 -9.96 8.57 -13.78
C TYR D 102 -10.56 9.16 -12.51
N VAL D 103 -11.89 9.20 -12.48
CA VAL D 103 -12.63 9.88 -11.42
C VAL D 103 -12.42 9.26 -10.05
N HIS D 104 -11.90 8.05 -9.96
CA HIS D 104 -11.77 7.37 -8.68
C HIS D 104 -10.45 7.69 -7.98
N TYR D 105 -9.59 8.50 -8.58
CA TYR D 105 -8.42 9.04 -7.89
C TYR D 105 -8.81 10.30 -7.15
N ALA D 106 -8.71 10.27 -5.82
CA ALA D 106 -9.17 11.37 -5.00
C ALA D 106 -8.27 12.60 -5.14
N MET D 107 -8.85 13.76 -4.90
CA MET D 107 -8.10 15.01 -4.88
C MET D 107 -7.37 15.16 -3.54
N ASP D 108 -6.16 15.69 -3.59
CA ASP D 108 -5.32 15.74 -2.41
C ASP D 108 -5.00 17.15 -1.91
N TYR D 109 -4.46 18.01 -2.75
CA TYR D 109 -3.87 19.27 -2.30
C TYR D 109 -4.63 20.45 -2.89
N TRP D 110 -4.96 21.42 -2.03
CA TRP D 110 -5.76 22.58 -2.37
C TRP D 110 -4.90 23.82 -2.56
N GLY D 111 -5.52 24.85 -3.13
CA GLY D 111 -4.95 26.19 -3.16
C GLY D 111 -5.44 27.03 -2.00
N GLN D 112 -5.24 28.34 -2.13
CA GLN D 112 -5.67 29.29 -1.10
C GLN D 112 -7.00 29.95 -1.43
N GLY D 113 -7.20 30.37 -2.68
CA GLY D 113 -8.50 30.94 -3.06
C GLY D 113 -8.39 32.38 -3.52
N THR D 114 -9.02 32.66 -4.65
CA THR D 114 -9.14 34.01 -5.18
C THR D 114 -10.60 34.44 -5.13
N SER D 115 -10.82 35.75 -4.96
CA SER D 115 -12.13 36.28 -4.66
C SER D 115 -12.66 37.12 -5.82
N VAL D 116 -13.97 37.03 -6.05
CA VAL D 116 -14.68 37.90 -6.97
C VAL D 116 -15.95 38.36 -6.28
N THR D 117 -16.26 39.65 -6.39
CA THR D 117 -17.45 40.22 -5.77
C THR D 117 -18.11 41.24 -6.68
N ASP E 1 -27.79 13.31 -10.49
CA ASP E 1 -27.01 14.09 -9.55
C ASP E 1 -27.17 13.55 -8.13
N ILE E 2 -26.09 12.98 -7.61
CA ILE E 2 -26.10 12.42 -6.26
C ILE E 2 -26.17 13.57 -5.25
N GLN E 3 -27.04 13.42 -4.26
CA GLN E 3 -27.28 14.46 -3.26
C GLN E 3 -26.64 14.04 -1.95
N MET E 4 -25.71 14.86 -1.45
CA MET E 4 -25.01 14.60 -0.21
C MET E 4 -25.65 15.40 0.91
N THR E 5 -26.06 14.72 1.97
CA THR E 5 -26.70 15.34 3.12
C THR E 5 -25.73 15.25 4.30
N GLN E 6 -24.98 16.31 4.53
CA GLN E 6 -24.07 16.37 5.68
C GLN E 6 -24.90 16.62 6.93
N SER E 7 -24.86 15.66 7.86
CA SER E 7 -25.84 15.63 8.94
C SER E 7 -25.79 16.86 9.83
N PRO E 8 -24.65 17.28 10.38
CA PRO E 8 -24.64 18.51 11.17
C PRO E 8 -24.25 19.72 10.34
N SER E 9 -24.95 20.83 10.56
CA SER E 9 -24.60 22.10 9.95
C SER E 9 -23.65 22.93 10.80
N SER E 10 -23.75 22.82 12.11
CA SER E 10 -22.85 23.50 13.03
C SER E 10 -22.74 22.67 14.30
N LEU E 11 -21.53 22.57 14.83
CA LEU E 11 -21.26 21.78 16.03
C LEU E 11 -20.42 22.60 17.00
N SER E 12 -20.78 22.53 18.28
CA SER E 12 -20.08 23.25 19.34
C SER E 12 -19.55 22.26 20.36
N ALA E 13 -18.24 22.26 20.56
CA ALA E 13 -17.60 21.37 21.53
C ALA E 13 -16.30 21.99 21.97
N SER E 14 -15.84 21.59 23.16
CA SER E 14 -14.60 22.09 23.71
C SER E 14 -13.42 21.29 23.17
N LEU E 15 -12.23 21.52 23.72
CA LEU E 15 -11.04 20.82 23.27
C LEU E 15 -10.95 19.44 23.93
N GLY E 16 -10.33 18.51 23.21
CA GLY E 16 -10.19 17.15 23.71
C GLY E 16 -11.50 16.40 23.85
N GLN E 17 -12.39 16.52 22.86
CA GLN E 17 -13.66 15.82 22.87
C GLN E 17 -13.86 15.16 21.51
N ARG E 18 -14.63 14.07 21.50
CA ARG E 18 -14.85 13.28 20.30
C ARG E 18 -16.03 13.84 19.51
N VAL E 19 -15.82 14.09 18.22
CA VAL E 19 -16.87 14.60 17.34
C VAL E 19 -16.94 13.73 16.10
N SER E 20 -18.14 13.65 15.52
CA SER E 20 -18.40 12.83 14.34
C SER E 20 -19.18 13.64 13.32
N LEU E 21 -18.76 13.56 12.05
CA LEU E 21 -19.42 14.24 10.96
C LEU E 21 -19.91 13.21 9.95
N THR E 22 -21.23 13.07 9.83
CA THR E 22 -21.84 12.03 9.01
C THR E 22 -22.27 12.61 7.68
N CYS E 23 -21.96 11.89 6.60
CA CYS E 23 -22.32 12.29 5.24
C CYS E 23 -23.02 11.13 4.56
N ARG E 24 -24.19 11.40 3.97
CA ARG E 24 -25.02 10.36 3.38
C ARG E 24 -25.37 10.73 1.94
N ALA E 25 -25.34 9.72 1.06
CA ALA E 25 -25.64 9.92 -0.35
C ALA E 25 -26.99 9.31 -0.69
N SER E 26 -27.58 9.80 -1.78
CA SER E 26 -28.86 9.28 -2.24
C SER E 26 -28.71 8.00 -3.04
N GLN E 27 -27.52 7.73 -3.56
CA GLN E 27 -27.22 6.54 -4.34
C GLN E 27 -26.10 5.76 -3.67
N GLU E 28 -25.63 4.72 -4.36
CA GLU E 28 -24.45 3.98 -3.95
C GLU E 28 -23.22 4.66 -4.55
N ILE E 29 -22.27 5.04 -3.70
CA ILE E 29 -21.07 5.74 -4.15
C ILE E 29 -19.82 4.88 -4.05
N SER E 30 -19.95 3.63 -3.59
CA SER E 30 -18.86 2.65 -3.63
C SER E 30 -17.65 3.11 -2.81
N GLY E 31 -17.92 3.82 -1.71
CA GLY E 31 -16.87 4.19 -0.78
C GLY E 31 -15.95 5.31 -1.24
N TYR E 32 -16.26 5.97 -2.36
CA TYR E 32 -15.43 7.07 -2.85
C TYR E 32 -15.90 8.37 -2.21
N LEU E 33 -15.31 8.69 -1.06
CA LEU E 33 -15.63 9.92 -0.34
C LEU E 33 -14.35 10.55 0.19
N THR E 34 -14.26 11.87 0.08
CA THR E 34 -13.13 12.64 0.59
C THR E 34 -13.61 13.64 1.62
N TRP E 35 -12.87 13.75 2.72
CA TRP E 35 -13.18 14.72 3.77
C TRP E 35 -12.22 15.89 3.70
N LEU E 36 -12.71 17.07 4.03
CA LEU E 36 -11.95 18.31 3.91
C LEU E 36 -12.13 19.16 5.17
N GLN E 37 -11.15 20.02 5.41
CA GLN E 37 -11.17 20.97 6.51
C GLN E 37 -10.84 22.35 5.99
N GLN E 38 -11.64 23.35 6.35
CA GLN E 38 -11.41 24.73 5.94
C GLN E 38 -11.28 25.60 7.18
N LYS E 39 -10.07 26.07 7.45
CA LYS E 39 -9.80 26.91 8.61
C LYS E 39 -10.36 28.32 8.38
N PRO E 40 -10.62 29.05 9.47
CA PRO E 40 -11.21 30.39 9.32
C PRO E 40 -10.38 31.33 8.46
N ASP E 41 -9.08 31.09 8.33
CA ASP E 41 -8.27 31.86 7.40
C ASP E 41 -8.75 31.67 5.96
N GLY E 42 -9.35 30.52 5.65
CA GLY E 42 -9.84 30.25 4.32
C GLY E 42 -9.07 29.22 3.53
N THR E 43 -8.18 28.46 4.17
CA THR E 43 -7.43 27.41 3.49
C THR E 43 -8.07 26.06 3.74
N ILE E 44 -8.00 25.19 2.73
CA ILE E 44 -8.67 23.91 2.73
C ILE E 44 -7.62 22.81 2.69
N LYS E 45 -7.77 21.80 3.55
CA LYS E 45 -6.83 20.71 3.66
C LYS E 45 -7.58 19.37 3.70
N ARG E 46 -7.07 18.39 2.97
CA ARG E 46 -7.66 17.05 2.96
C ARG E 46 -7.24 16.27 4.19
N LEU E 47 -8.18 15.50 4.74
CA LEU E 47 -7.93 14.64 5.88
C LEU E 47 -7.99 13.16 5.53
N VAL E 48 -9.09 12.70 4.94
CA VAL E 48 -9.30 11.29 4.61
C VAL E 48 -9.84 11.19 3.19
N TYR E 49 -9.33 10.23 2.42
CA TYR E 49 -9.84 9.92 1.11
C TYR E 49 -10.09 8.42 1.01
N ALA E 50 -10.84 8.02 -0.02
CA ALA E 50 -11.36 6.66 -0.18
C ALA E 50 -12.14 6.20 1.05
N ALA E 51 -12.56 7.16 1.88
CA ALA E 51 -13.46 6.99 3.01
C ALA E 51 -12.81 6.28 4.19
N SER E 52 -11.59 5.75 4.02
CA SER E 52 -10.88 5.15 5.14
C SER E 52 -9.37 5.35 5.11
N THR E 53 -8.83 6.07 4.14
CA THR E 53 -7.38 6.19 3.97
C THR E 53 -6.93 7.56 4.43
N LEU E 54 -6.22 7.61 5.55
CA LEU E 54 -5.68 8.85 6.08
C LEU E 54 -4.63 9.42 5.13
N ASP E 55 -4.63 10.74 5.00
CA ASP E 55 -3.59 11.41 4.21
C ASP E 55 -2.27 11.41 4.98
N SER E 56 -1.18 11.56 4.23
CA SER E 56 0.15 11.40 4.82
C SER E 56 0.42 12.45 5.89
N GLY E 57 0.22 13.72 5.57
CA GLY E 57 0.52 14.78 6.51
C GLY E 57 -0.64 15.19 7.36
N VAL E 58 -1.26 14.23 8.05
CA VAL E 58 -2.44 14.49 8.87
C VAL E 58 -2.24 13.88 10.25
N PRO E 59 -2.60 14.57 11.33
CA PRO E 59 -2.50 13.97 12.66
C PRO E 59 -3.34 12.72 12.77
N LYS E 60 -2.87 11.79 13.59
CA LYS E 60 -3.50 10.48 13.74
C LYS E 60 -4.82 10.52 14.49
N ARG E 61 -5.39 11.68 14.79
CA ARG E 61 -6.68 11.74 15.45
C ARG E 61 -7.84 11.89 14.48
N PHE E 62 -7.57 11.91 13.18
CA PHE E 62 -8.61 11.99 12.15
C PHE E 62 -8.82 10.61 11.54
N SER E 63 -10.04 10.08 11.66
CA SER E 63 -10.37 8.74 11.18
C SER E 63 -11.55 8.79 10.24
N GLY E 64 -11.44 8.08 9.12
CA GLY E 64 -12.53 7.90 8.18
C GLY E 64 -13.17 6.54 8.38
N SER E 65 -14.44 6.42 8.00
CA SER E 65 -15.17 5.19 8.22
C SER E 65 -16.29 5.06 7.19
N ARG E 66 -16.81 3.85 7.07
CA ARG E 66 -17.94 3.56 6.19
C ARG E 66 -18.76 2.43 6.80
N SER E 67 -20.08 2.58 6.76
CA SER E 67 -20.99 1.54 7.29
C SER E 67 -22.26 1.62 6.44
N GLY E 68 -22.34 0.76 5.43
CA GLY E 68 -23.45 0.80 4.49
C GLY E 68 -23.38 2.02 3.60
N SER E 69 -24.41 2.86 3.68
CA SER E 69 -24.43 4.13 2.95
C SER E 69 -24.13 5.32 3.84
N ASP E 70 -23.81 5.10 5.11
CA ASP E 70 -23.49 6.17 6.05
C ASP E 70 -21.98 6.27 6.19
N TYR E 71 -21.44 7.44 5.84
CA TYR E 71 -20.02 7.72 5.93
C TYR E 71 -19.78 8.67 7.10
N SER E 72 -18.53 8.74 7.55
CA SER E 72 -18.23 9.52 8.74
C SER E 72 -16.80 10.03 8.69
N LEU E 73 -16.57 11.09 9.47
CA LEU E 73 -15.24 11.57 9.81
C LEU E 73 -15.20 11.78 11.31
N THR E 74 -14.21 11.19 11.96
CA THR E 74 -14.14 11.19 13.42
C THR E 74 -12.84 11.87 13.88
N ILE E 75 -12.97 12.76 14.86
CA ILE E 75 -11.84 13.39 15.52
C ILE E 75 -11.84 12.89 16.95
N SER E 76 -10.82 12.11 17.31
CA SER E 76 -10.80 11.47 18.62
C SER E 76 -10.66 12.49 19.74
N SER E 77 -9.80 13.49 19.55
CA SER E 77 -9.63 14.57 20.51
C SER E 77 -9.46 15.87 19.76
N LEU E 78 -10.07 16.93 20.27
CA LEU E 78 -10.07 18.23 19.60
C LEU E 78 -8.95 19.10 20.15
N GLU E 79 -8.10 19.58 19.27
CA GLU E 79 -7.09 20.57 19.64
C GLU E 79 -7.65 21.97 19.40
N SER E 80 -6.79 22.99 19.48
CA SER E 80 -7.22 24.36 19.27
C SER E 80 -7.32 24.74 17.80
N GLU E 81 -6.57 24.09 16.92
CA GLU E 81 -6.61 24.38 15.50
C GLU E 81 -7.62 23.52 14.74
N ASP E 82 -8.37 22.66 15.44
CA ASP E 82 -9.36 21.81 14.79
C ASP E 82 -10.68 22.51 14.54
N PHE E 83 -10.91 23.69 15.14
CA PHE E 83 -12.18 24.40 14.98
C PHE E 83 -12.18 25.11 13.64
N ALA E 84 -12.90 24.55 12.68
CA ALA E 84 -12.88 25.02 11.31
C ALA E 84 -14.17 24.56 10.62
N ASP E 85 -14.21 24.67 9.30
CA ASP E 85 -15.31 24.17 8.50
C ASP E 85 -14.92 22.87 7.82
N TYR E 86 -15.86 21.95 7.71
CA TYR E 86 -15.60 20.64 7.11
C TYR E 86 -16.65 20.33 6.05
N TYR E 87 -16.21 19.73 4.95
CA TYR E 87 -17.08 19.41 3.82
C TYR E 87 -16.76 18.01 3.32
N CYS E 88 -17.78 17.15 3.21
CA CYS E 88 -17.61 15.87 2.55
C CYS E 88 -17.75 16.03 1.04
N LEU E 89 -17.23 15.05 0.31
CA LEU E 89 -17.21 15.10 -1.14
C LEU E 89 -17.26 13.69 -1.69
N GLN E 90 -18.22 13.42 -2.56
CA GLN E 90 -18.30 12.15 -3.28
C GLN E 90 -17.72 12.33 -4.67
N TYR E 91 -16.99 11.31 -5.14
CA TYR E 91 -16.36 11.38 -6.45
C TYR E 91 -16.52 10.08 -7.22
N THR E 92 -17.58 9.32 -6.92
CA THR E 92 -17.81 8.07 -7.65
C THR E 92 -18.23 8.33 -9.10
N ASN E 93 -18.92 9.44 -9.36
CA ASN E 93 -19.35 9.76 -10.71
C ASN E 93 -19.70 11.25 -10.77
N TYR E 94 -19.66 11.79 -11.98
CA TYR E 94 -19.98 13.19 -12.20
C TYR E 94 -21.48 13.45 -12.05
N PRO E 95 -21.86 14.64 -11.58
CA PRO E 95 -21.01 15.73 -11.08
C PRO E 95 -20.58 15.48 -9.64
N LEU E 96 -19.38 15.91 -9.26
CA LEU E 96 -18.98 15.81 -7.85
C LEU E 96 -19.81 16.78 -7.03
N THR E 97 -20.39 16.28 -5.94
CA THR E 97 -21.26 17.09 -5.10
C THR E 97 -20.73 17.09 -3.67
N PHE E 98 -20.64 18.28 -3.09
CA PHE E 98 -20.25 18.45 -1.70
C PHE E 98 -21.49 18.46 -0.82
N GLY E 99 -21.26 18.25 0.48
CA GLY E 99 -22.30 18.51 1.45
C GLY E 99 -22.48 20.00 1.67
N ALA E 100 -23.54 20.34 2.41
CA ALA E 100 -23.76 21.75 2.75
C ALA E 100 -22.61 22.28 3.59
N GLY E 101 -22.12 21.48 4.52
CA GLY E 101 -20.98 21.86 5.33
C GLY E 101 -21.26 21.79 6.81
N THR E 102 -20.21 21.74 7.62
CA THR E 102 -20.34 21.79 9.07
C THR E 102 -19.35 22.82 9.61
N LYS E 103 -19.83 23.68 10.49
CA LYS E 103 -18.99 24.67 11.16
C LYS E 103 -18.70 24.17 12.57
N LEU E 104 -17.42 24.05 12.91
CA LEU E 104 -17.01 23.61 14.23
C LEU E 104 -16.70 24.82 15.09
N GLU E 105 -17.40 24.94 16.22
CA GLU E 105 -17.32 26.11 17.08
C GLU E 105 -16.75 25.72 18.44
N LEU E 106 -15.96 26.62 19.02
CA LEU E 106 -15.40 26.42 20.35
C LEU E 106 -16.44 26.84 21.38
N LYS E 107 -16.96 25.87 22.12
CA LYS E 107 -18.00 26.12 23.11
C LYS E 107 -17.49 26.96 24.27
N SER F 3 22.65 -17.99 11.56
CA SER F 3 21.93 -19.26 11.69
C SER F 3 20.60 -19.21 10.96
N LYS F 4 19.52 -19.43 11.70
CA LYS F 4 18.18 -19.45 11.13
C LYS F 4 17.42 -18.19 11.51
N MET F 5 16.68 -17.64 10.54
CA MET F 5 15.78 -16.54 10.81
C MET F 5 14.55 -17.05 11.56
N ARG F 6 14.07 -16.23 12.49
CA ARG F 6 12.90 -16.59 13.29
C ARG F 6 11.67 -15.84 12.78
N MET F 7 10.52 -16.18 13.36
CA MET F 7 9.25 -15.62 12.93
C MET F 7 8.35 -15.40 14.13
N ALA F 8 7.44 -14.44 14.00
CA ALA F 8 6.47 -14.13 15.03
C ALA F 8 5.10 -14.68 14.62
N THR F 9 4.35 -15.16 15.60
CA THR F 9 3.11 -15.79 15.17
C THR F 9 1.91 -14.93 15.60
N PRO F 10 0.95 -14.74 14.71
CA PRO F 10 -0.24 -13.94 15.04
C PRO F 10 -1.16 -14.67 16.00
N LEU F 11 -2.20 -13.95 16.42
CA LEU F 11 -3.24 -14.48 17.27
C LEU F 11 -4.55 -14.53 16.49
N LEU F 12 -5.50 -15.30 17.02
CA LEU F 12 -6.82 -15.45 16.41
C LEU F 12 -7.82 -14.59 17.16
N MET F 13 -8.58 -13.80 16.41
CA MET F 13 -9.57 -12.92 17.01
C MET F 13 -10.73 -13.72 17.59
N GLN F 14 -11.41 -13.12 18.56
CA GLN F 14 -12.47 -13.79 19.29
C GLN F 14 -13.69 -14.03 18.40
#